data_2N95
#
_entry.id   2N95
#
loop_
_entity.id
_entity.type
_entity.pdbx_description
1 polymer 'Protein HIT1'
2 non-polymer 'ZINC ION'
#
_entity_poly.entity_id   1
_entity_poly.type   'polypeptide(L)'
_entity_poly.pdbx_seq_one_letter_code
;GPHMVSSAVKCGICRGVDGKYKCPKCGVRYCSLKCYKDAAKHVHKESEQ
;
_entity_poly.pdbx_strand_id   A
#
# COMPACT_ATOMS: atom_id res chain seq x y z
N GLY A 1 -28.00 -3.52 -11.16
CA GLY A 1 -27.97 -2.04 -11.23
C GLY A 1 -26.69 -1.48 -10.63
N PRO A 2 -26.42 -0.18 -10.80
CA PRO A 2 -25.21 0.45 -10.31
C PRO A 2 -25.23 0.70 -8.81
N HIS A 3 -24.79 -0.30 -8.05
CA HIS A 3 -24.70 -0.16 -6.60
C HIS A 3 -23.24 -0.18 -6.15
N MET A 4 -22.38 -0.76 -6.98
CA MET A 4 -20.96 -0.84 -6.65
C MET A 4 -20.31 0.53 -6.79
N VAL A 5 -19.31 0.77 -5.96
CA VAL A 5 -18.58 2.04 -5.99
C VAL A 5 -17.08 1.79 -6.04
N SER A 6 -16.72 0.57 -6.45
CA SER A 6 -15.32 0.13 -6.45
C SER A 6 -14.76 0.17 -5.03
N SER A 7 -15.26 -0.74 -4.19
CA SER A 7 -14.85 -0.82 -2.80
C SER A 7 -13.51 -1.55 -2.67
N ALA A 8 -12.53 -1.10 -3.45
CA ALA A 8 -11.21 -1.68 -3.44
C ALA A 8 -10.20 -0.63 -3.81
N VAL A 9 -8.95 -0.94 -3.57
CA VAL A 9 -7.89 0.02 -3.73
C VAL A 9 -6.72 -0.61 -4.47
N LYS A 10 -5.92 0.20 -5.15
CA LYS A 10 -4.76 -0.31 -5.85
C LYS A 10 -3.51 -0.13 -5.00
N CYS A 11 -2.47 -0.89 -5.30
CA CYS A 11 -1.20 -0.78 -4.62
C CYS A 11 -0.59 0.58 -4.88
N GLY A 12 -0.52 1.41 -3.85
CA GLY A 12 0.00 2.76 -4.02
C GLY A 12 1.50 2.78 -4.20
N ILE A 13 2.13 1.62 -4.16
CA ILE A 13 3.58 1.52 -4.23
C ILE A 13 4.05 1.16 -5.63
N CYS A 14 3.31 0.29 -6.31
CA CYS A 14 3.70 -0.12 -7.66
C CYS A 14 2.59 0.15 -8.65
N ARG A 15 1.38 0.41 -8.13
CA ARG A 15 0.21 0.69 -8.94
C ARG A 15 -0.08 -0.43 -9.92
N GLY A 16 0.26 -1.64 -9.53
CA GLY A 16 0.06 -2.79 -10.39
C GLY A 16 -1.30 -3.42 -10.19
N VAL A 17 -1.50 -4.06 -9.06
CA VAL A 17 -2.78 -4.70 -8.75
C VAL A 17 -3.40 -4.08 -7.51
N ASP A 18 -4.45 -4.70 -7.01
CA ASP A 18 -5.14 -4.22 -5.83
C ASP A 18 -4.24 -4.23 -4.59
N GLY A 19 -4.44 -3.26 -3.72
CA GLY A 19 -3.72 -3.20 -2.48
C GLY A 19 -4.44 -3.97 -1.40
N LYS A 20 -4.34 -5.29 -1.48
CA LYS A 20 -5.01 -6.19 -0.56
C LYS A 20 -4.43 -6.07 0.85
N TYR A 21 -3.16 -5.70 0.92
CA TYR A 21 -2.47 -5.57 2.20
C TYR A 21 -2.37 -4.09 2.58
N LYS A 22 -2.26 -3.80 3.87
CA LYS A 22 -2.26 -2.41 4.33
C LYS A 22 -1.19 -2.19 5.39
N CYS A 23 -0.59 -1.00 5.39
CA CYS A 23 0.46 -0.66 6.34
C CYS A 23 -0.12 0.15 7.49
N PRO A 24 -0.23 -0.46 8.68
CA PRO A 24 -0.80 0.19 9.86
C PRO A 24 0.10 1.28 10.44
N LYS A 25 1.23 1.49 9.80
CA LYS A 25 2.19 2.49 10.24
C LYS A 25 1.94 3.84 9.56
N CYS A 26 1.87 3.82 8.24
CA CYS A 26 1.68 5.05 7.49
C CYS A 26 0.26 5.15 6.94
N GLY A 27 -0.30 4.02 6.54
CA GLY A 27 -1.63 4.00 5.98
C GLY A 27 -1.60 3.70 4.50
N VAL A 28 -0.51 3.14 4.02
CA VAL A 28 -0.37 2.84 2.61
C VAL A 28 -0.99 1.49 2.28
N ARG A 29 -1.31 1.29 1.02
CA ARG A 29 -1.88 0.05 0.55
C ARG A 29 -0.96 -0.59 -0.47
N TYR A 30 -0.50 -1.79 -0.17
CA TYR A 30 0.38 -2.51 -1.08
C TYR A 30 -0.25 -3.82 -1.52
N CYS A 31 0.19 -4.29 -2.67
CA CYS A 31 -0.36 -5.47 -3.31
C CYS A 31 0.07 -6.74 -2.60
N SER A 32 1.17 -6.67 -1.85
CA SER A 32 1.71 -7.83 -1.17
C SER A 32 2.92 -7.44 -0.34
N LEU A 33 3.62 -8.44 0.19
CA LEU A 33 4.81 -8.22 0.99
C LEU A 33 5.93 -7.64 0.13
N LYS A 34 5.80 -7.83 -1.18
CA LYS A 34 6.78 -7.33 -2.15
C LYS A 34 6.98 -5.83 -1.98
N CYS A 35 5.88 -5.10 -2.00
CA CYS A 35 5.93 -3.65 -1.85
C CYS A 35 5.91 -3.26 -0.37
N TYR A 36 5.48 -4.19 0.47
CA TYR A 36 5.50 -3.96 1.92
C TYR A 36 6.93 -3.74 2.39
N LYS A 37 7.76 -4.75 2.24
CA LYS A 37 9.15 -4.68 2.68
C LYS A 37 10.02 -4.00 1.64
N ASP A 38 9.59 -2.80 1.25
CA ASP A 38 10.34 -1.96 0.35
C ASP A 38 10.74 -0.69 1.07
N ALA A 39 11.90 -0.15 0.74
CA ALA A 39 12.38 1.06 1.36
C ALA A 39 12.79 2.08 0.31
N ALA A 40 12.15 2.01 -0.84
CA ALA A 40 12.41 2.92 -1.94
C ALA A 40 11.14 3.69 -2.29
N LYS A 41 10.04 2.96 -2.34
CA LYS A 41 8.74 3.53 -2.64
C LYS A 41 7.88 3.50 -1.38
N HIS A 42 8.08 2.48 -0.56
CA HIS A 42 7.39 2.40 0.72
C HIS A 42 8.14 3.24 1.75
N VAL A 43 7.77 4.51 1.85
CA VAL A 43 8.54 5.45 2.64
C VAL A 43 8.01 5.57 4.05
N HIS A 44 8.91 5.40 4.99
CA HIS A 44 8.60 5.54 6.40
C HIS A 44 9.49 6.60 7.03
N LYS A 45 9.32 7.82 6.56
CA LYS A 45 10.06 8.95 7.07
C LYS A 45 9.29 9.57 8.23
N GLU A 46 7.98 9.76 8.01
CA GLU A 46 7.07 10.37 8.97
C GLU A 46 7.43 11.86 9.17
N SER A 47 8.42 12.13 10.00
CA SER A 47 8.89 13.48 10.22
C SER A 47 10.32 13.59 9.68
N GLU A 48 10.96 14.74 9.86
CA GLU A 48 12.36 14.89 9.46
C GLU A 48 13.21 13.90 10.23
N GLN A 49 13.01 13.87 11.53
CA GLN A 49 13.66 12.91 12.41
C GLN A 49 12.70 12.51 13.51
N GLY A 1 -17.07 -0.11 3.97
CA GLY A 1 -18.36 -0.57 3.41
C GLY A 1 -18.40 -0.49 1.90
N PRO A 2 -18.86 -1.54 1.23
CA PRO A 2 -18.94 -1.57 -0.24
C PRO A 2 -20.11 -0.74 -0.78
N HIS A 3 -19.90 0.57 -0.87
CA HIS A 3 -20.95 1.47 -1.36
C HIS A 3 -20.56 2.05 -2.72
N MET A 4 -19.49 1.54 -3.30
CA MET A 4 -19.04 2.01 -4.60
C MET A 4 -19.08 0.88 -5.63
N VAL A 5 -18.81 1.22 -6.88
CA VAL A 5 -18.90 0.25 -7.97
C VAL A 5 -17.89 -0.90 -7.79
N SER A 6 -16.66 -0.56 -7.41
CA SER A 6 -15.63 -1.57 -7.25
C SER A 6 -15.40 -1.88 -5.78
N SER A 7 -15.30 -0.83 -4.95
CA SER A 7 -15.02 -1.00 -3.53
C SER A 7 -13.71 -1.76 -3.34
N ALA A 8 -12.69 -1.35 -4.10
CA ALA A 8 -11.38 -1.98 -4.04
C ALA A 8 -10.30 -0.97 -4.27
N VAL A 9 -9.18 -1.21 -3.63
CA VAL A 9 -8.09 -0.27 -3.61
C VAL A 9 -6.89 -0.85 -4.37
N LYS A 10 -6.07 0.00 -4.94
CA LYS A 10 -4.92 -0.45 -5.69
C LYS A 10 -3.64 -0.25 -4.89
N CYS A 11 -2.60 -0.97 -5.25
CA CYS A 11 -1.31 -0.83 -4.58
C CYS A 11 -0.74 0.56 -4.83
N GLY A 12 -0.67 1.37 -3.79
CA GLY A 12 -0.18 2.72 -3.95
C GLY A 12 1.31 2.79 -4.15
N ILE A 13 1.98 1.64 -4.15
CA ILE A 13 3.42 1.60 -4.25
C ILE A 13 3.87 1.28 -5.68
N CYS A 14 3.16 0.36 -6.32
CA CYS A 14 3.54 -0.04 -7.68
C CYS A 14 2.40 0.20 -8.65
N ARG A 15 1.21 0.43 -8.10
CA ARG A 15 0.01 0.73 -8.87
C ARG A 15 -0.31 -0.36 -9.88
N GLY A 16 0.12 -1.59 -9.55
CA GLY A 16 -0.10 -2.70 -10.45
C GLY A 16 -1.45 -3.36 -10.22
N VAL A 17 -1.60 -4.03 -9.09
CA VAL A 17 -2.84 -4.71 -8.78
C VAL A 17 -3.46 -4.14 -7.50
N ASP A 18 -4.47 -4.82 -6.99
CA ASP A 18 -5.17 -4.40 -5.78
C ASP A 18 -4.25 -4.39 -4.57
N GLY A 19 -4.45 -3.41 -3.70
CA GLY A 19 -3.65 -3.30 -2.50
C GLY A 19 -4.32 -3.99 -1.33
N LYS A 20 -4.33 -5.32 -1.40
CA LYS A 20 -5.01 -6.14 -0.39
C LYS A 20 -4.36 -6.01 0.98
N TYR A 21 -3.10 -5.64 1.02
CA TYR A 21 -2.38 -5.46 2.27
C TYR A 21 -2.28 -3.98 2.60
N LYS A 22 -2.23 -3.65 3.89
CA LYS A 22 -2.25 -2.26 4.33
C LYS A 22 -1.21 -2.02 5.42
N CYS A 23 -0.60 -0.85 5.41
CA CYS A 23 0.43 -0.50 6.38
C CYS A 23 -0.18 0.34 7.50
N PRO A 24 -0.34 -0.24 8.70
CA PRO A 24 -0.98 0.44 9.84
C PRO A 24 -0.20 1.66 10.34
N LYS A 25 1.04 1.79 9.90
CA LYS A 25 1.88 2.92 10.31
C LYS A 25 1.57 4.17 9.50
N CYS A 26 1.82 4.09 8.21
CA CYS A 26 1.68 5.25 7.34
C CYS A 26 0.29 5.32 6.74
N GLY A 27 -0.28 4.16 6.48
CA GLY A 27 -1.61 4.10 5.93
C GLY A 27 -1.59 3.77 4.46
N VAL A 28 -0.48 3.23 4.00
CA VAL A 28 -0.31 2.92 2.60
C VAL A 28 -0.92 1.57 2.27
N ARG A 29 -1.22 1.37 1.01
CA ARG A 29 -1.77 0.11 0.51
C ARG A 29 -0.77 -0.53 -0.44
N TYR A 30 -0.48 -1.80 -0.20
CA TYR A 30 0.41 -2.54 -1.08
C TYR A 30 -0.21 -3.86 -1.49
N CYS A 31 0.18 -4.31 -2.67
CA CYS A 31 -0.35 -5.51 -3.28
C CYS A 31 0.14 -6.76 -2.56
N SER A 32 1.27 -6.65 -1.87
CA SER A 32 1.86 -7.79 -1.18
C SER A 32 3.09 -7.40 -0.39
N LEU A 33 3.82 -8.39 0.09
CA LEU A 33 5.08 -8.16 0.79
C LEU A 33 6.13 -7.57 -0.14
N LYS A 34 5.94 -7.74 -1.44
CA LYS A 34 6.90 -7.25 -2.43
C LYS A 34 7.05 -5.75 -2.30
N CYS A 35 5.92 -5.06 -2.14
CA CYS A 35 5.92 -3.61 -1.96
C CYS A 35 5.94 -3.24 -0.48
N TYR A 36 5.47 -4.16 0.36
CA TYR A 36 5.48 -3.95 1.81
C TYR A 36 6.92 -3.74 2.30
N LYS A 37 7.76 -4.72 2.04
CA LYS A 37 9.15 -4.68 2.51
C LYS A 37 10.04 -4.02 1.47
N ASP A 38 9.57 -2.91 0.95
CA ASP A 38 10.37 -2.09 0.05
C ASP A 38 10.77 -0.82 0.77
N ALA A 39 11.99 -0.36 0.54
CA ALA A 39 12.49 0.82 1.22
C ALA A 39 12.86 1.90 0.21
N ALA A 40 12.28 1.82 -0.97
CA ALA A 40 12.53 2.79 -2.01
C ALA A 40 11.29 3.63 -2.26
N LYS A 41 10.16 2.94 -2.32
CA LYS A 41 8.87 3.57 -2.53
C LYS A 41 8.09 3.60 -1.23
N HIS A 42 8.28 2.57 -0.42
CA HIS A 42 7.64 2.48 0.88
C HIS A 42 8.59 3.00 1.96
N VAL A 43 8.39 4.23 2.38
CA VAL A 43 9.29 4.83 3.37
C VAL A 43 8.51 5.36 4.56
N HIS A 44 9.11 5.27 5.72
CA HIS A 44 8.48 5.66 6.95
C HIS A 44 9.16 6.86 7.58
N LYS A 45 8.48 7.50 8.51
CA LYS A 45 8.99 8.69 9.17
C LYS A 45 8.85 8.54 10.69
N GLU A 46 8.61 7.30 11.12
CA GLU A 46 8.47 6.98 12.53
C GLU A 46 9.83 7.07 13.22
N SER A 47 9.95 8.02 14.14
CA SER A 47 11.22 8.26 14.82
C SER A 47 11.47 7.22 15.91
N GLU A 48 12.01 6.08 15.50
CA GLU A 48 12.37 5.03 16.43
C GLU A 48 13.62 5.42 17.22
N GLN A 49 14.44 6.25 16.59
CA GLN A 49 15.64 6.76 17.23
C GLN A 49 15.60 8.28 17.28
N GLY A 1 -8.69 -8.72 3.28
CA GLY A 1 -8.60 -7.70 2.19
C GLY A 1 -9.70 -6.68 2.29
N PRO A 2 -10.06 -6.01 1.17
CA PRO A 2 -11.08 -4.97 1.14
C PRO A 2 -12.51 -5.52 1.11
N HIS A 3 -12.65 -6.77 1.54
CA HIS A 3 -13.95 -7.45 1.62
C HIS A 3 -14.50 -7.79 0.24
N MET A 4 -14.95 -6.79 -0.50
CA MET A 4 -15.59 -7.00 -1.78
C MET A 4 -14.99 -6.09 -2.84
N VAL A 5 -14.91 -6.58 -4.08
CA VAL A 5 -14.36 -5.79 -5.17
C VAL A 5 -15.38 -4.79 -5.69
N SER A 6 -15.64 -3.79 -4.87
CA SER A 6 -16.51 -2.68 -5.23
C SER A 6 -15.97 -1.41 -4.59
N SER A 7 -15.34 -0.57 -5.39
CA SER A 7 -14.59 0.58 -4.89
C SER A 7 -13.42 0.07 -4.05
N ALA A 8 -12.61 -0.77 -4.67
CA ALA A 8 -11.45 -1.36 -4.03
C ALA A 8 -10.27 -0.46 -4.24
N VAL A 9 -9.13 -0.90 -3.76
CA VAL A 9 -7.97 -0.06 -3.76
C VAL A 9 -6.80 -0.76 -4.42
N LYS A 10 -5.99 0.02 -5.12
CA LYS A 10 -4.83 -0.51 -5.82
C LYS A 10 -3.58 -0.25 -5.02
N CYS A 11 -2.54 -1.04 -5.27
CA CYS A 11 -1.27 -0.89 -4.57
C CYS A 11 -0.69 0.49 -4.82
N GLY A 12 -0.60 1.28 -3.77
CA GLY A 12 -0.10 2.64 -3.90
C GLY A 12 1.41 2.71 -4.06
N ILE A 13 2.05 1.55 -4.13
CA ILE A 13 3.50 1.51 -4.23
C ILE A 13 3.93 1.17 -5.65
N CYS A 14 3.22 0.26 -6.30
CA CYS A 14 3.60 -0.13 -7.66
C CYS A 14 2.48 0.17 -8.65
N ARG A 15 1.28 0.37 -8.12
CA ARG A 15 0.09 0.63 -8.93
C ARG A 15 -0.18 -0.51 -9.91
N GLY A 16 0.22 -1.72 -9.52
CA GLY A 16 0.06 -2.87 -10.37
C GLY A 16 -1.30 -3.51 -10.19
N VAL A 17 -1.50 -4.14 -9.04
CA VAL A 17 -2.76 -4.80 -8.75
C VAL A 17 -3.37 -4.21 -7.49
N ASP A 18 -4.46 -4.82 -7.02
CA ASP A 18 -5.12 -4.41 -5.79
C ASP A 18 -4.17 -4.35 -4.60
N GLY A 19 -4.43 -3.41 -3.71
CA GLY A 19 -3.69 -3.31 -2.48
C GLY A 19 -4.38 -4.09 -1.38
N LYS A 20 -4.31 -5.40 -1.48
CA LYS A 20 -4.98 -6.31 -0.56
C LYS A 20 -4.53 -6.14 0.89
N TYR A 21 -3.31 -5.64 1.07
CA TYR A 21 -2.80 -5.43 2.42
C TYR A 21 -2.59 -3.95 2.70
N LYS A 22 -2.57 -3.61 3.98
CA LYS A 22 -2.48 -2.21 4.39
C LYS A 22 -1.41 -2.06 5.46
N CYS A 23 -0.73 -0.92 5.45
CA CYS A 23 0.31 -0.63 6.43
C CYS A 23 -0.26 0.23 7.54
N PRO A 24 -0.43 -0.35 8.74
CA PRO A 24 -1.02 0.35 9.89
C PRO A 24 -0.15 1.52 10.38
N LYS A 25 1.10 1.56 9.93
CA LYS A 25 2.04 2.57 10.38
C LYS A 25 1.84 3.87 9.60
N CYS A 26 2.01 3.82 8.28
CA CYS A 26 1.89 5.01 7.46
C CYS A 26 0.49 5.13 6.88
N GLY A 27 -0.10 3.99 6.56
CA GLY A 27 -1.42 3.97 6.00
C GLY A 27 -1.42 3.54 4.55
N VAL A 28 -0.27 3.11 4.06
CA VAL A 28 -0.11 2.81 2.65
C VAL A 28 -0.78 1.48 2.28
N ARG A 29 -1.11 1.34 1.01
CA ARG A 29 -1.70 0.12 0.48
C ARG A 29 -0.72 -0.57 -0.46
N TYR A 30 -0.48 -1.85 -0.22
CA TYR A 30 0.40 -2.62 -1.08
C TYR A 30 -0.25 -3.92 -1.51
N CYS A 31 0.23 -4.41 -2.64
CA CYS A 31 -0.32 -5.59 -3.29
C CYS A 31 0.14 -6.87 -2.60
N SER A 32 1.20 -6.76 -1.81
CA SER A 32 1.75 -7.93 -1.10
C SER A 32 3.01 -7.51 -0.34
N LEU A 33 3.72 -8.51 0.20
CA LEU A 33 4.96 -8.27 0.93
C LEU A 33 6.02 -7.70 -0.01
N LYS A 34 5.81 -7.91 -1.32
CA LYS A 34 6.72 -7.41 -2.34
C LYS A 34 6.95 -5.91 -2.21
N CYS A 35 5.85 -5.16 -2.08
CA CYS A 35 5.92 -3.72 -1.93
C CYS A 35 5.94 -3.32 -0.46
N TYR A 36 5.51 -4.24 0.39
CA TYR A 36 5.51 -4.04 1.84
C TYR A 36 6.93 -3.74 2.32
N LYS A 37 7.83 -4.70 2.13
CA LYS A 37 9.21 -4.53 2.54
C LYS A 37 10.03 -3.83 1.47
N ASP A 38 9.55 -2.66 1.05
CA ASP A 38 10.25 -1.82 0.13
C ASP A 38 10.74 -0.58 0.85
N ALA A 39 11.91 -0.10 0.46
CA ALA A 39 12.49 1.09 1.07
C ALA A 39 12.90 2.09 0.00
N ALA A 40 12.24 2.02 -1.15
CA ALA A 40 12.51 2.93 -2.25
C ALA A 40 11.30 3.82 -2.51
N LYS A 41 10.13 3.22 -2.44
CA LYS A 41 8.88 3.95 -2.58
C LYS A 41 8.12 3.94 -1.26
N HIS A 42 8.21 2.85 -0.52
CA HIS A 42 7.57 2.76 0.78
C HIS A 42 8.44 3.45 1.83
N VAL A 43 8.01 4.63 2.25
CA VAL A 43 8.80 5.44 3.16
C VAL A 43 8.19 5.46 4.54
N HIS A 44 9.06 5.38 5.55
CA HIS A 44 8.64 5.40 6.93
C HIS A 44 9.47 6.38 7.75
N LYS A 45 8.80 7.43 8.23
CA LYS A 45 9.39 8.38 9.14
C LYS A 45 8.54 8.47 10.40
N GLU A 46 9.21 8.60 11.55
CA GLU A 46 8.53 8.60 12.85
C GLU A 46 7.82 7.27 13.07
N SER A 47 6.97 7.21 14.10
CA SER A 47 6.17 6.03 14.41
C SER A 47 7.05 4.83 14.82
N GLU A 48 7.74 4.24 13.85
CA GLU A 48 8.61 3.11 14.09
C GLU A 48 10.04 3.58 14.33
N GLN A 49 10.33 4.78 13.88
CA GLN A 49 11.65 5.37 14.05
C GLN A 49 11.63 6.39 15.17
N GLY A 1 -17.23 0.20 -13.08
CA GLY A 1 -16.52 1.50 -12.97
C GLY A 1 -15.26 1.53 -13.81
N PRO A 2 -15.27 2.27 -14.94
CA PRO A 2 -14.11 2.38 -15.83
C PRO A 2 -12.92 3.04 -15.16
N HIS A 3 -13.19 3.98 -14.27
CA HIS A 3 -12.13 4.69 -13.56
C HIS A 3 -12.21 4.37 -12.07
N MET A 4 -12.27 3.08 -11.77
CA MET A 4 -12.37 2.57 -10.39
C MET A 4 -13.72 2.96 -9.76
N VAL A 5 -14.01 2.37 -8.61
CA VAL A 5 -15.28 2.61 -7.93
C VAL A 5 -15.05 3.16 -6.52
N SER A 6 -13.80 3.52 -6.25
CA SER A 6 -13.37 4.08 -4.96
C SER A 6 -13.38 3.04 -3.82
N SER A 7 -14.27 2.06 -3.92
CA SER A 7 -14.41 1.04 -2.89
C SER A 7 -13.19 0.12 -2.84
N ALA A 8 -12.59 -0.13 -4.00
CA ALA A 8 -11.40 -0.96 -4.08
C ALA A 8 -10.17 -0.11 -4.14
N VAL A 9 -9.05 -0.67 -3.76
CA VAL A 9 -7.84 0.08 -3.65
C VAL A 9 -6.72 -0.62 -4.41
N LYS A 10 -5.83 0.17 -4.99
CA LYS A 10 -4.71 -0.36 -5.73
C LYS A 10 -3.43 -0.23 -4.90
N CYS A 11 -2.43 -1.03 -5.24
CA CYS A 11 -1.14 -0.94 -4.59
C CYS A 11 -0.53 0.43 -4.87
N GLY A 12 -0.36 1.23 -3.83
CA GLY A 12 0.15 2.58 -4.01
C GLY A 12 1.65 2.61 -4.20
N ILE A 13 2.25 1.44 -4.35
CA ILE A 13 3.70 1.34 -4.47
C ILE A 13 4.09 0.97 -5.90
N CYS A 14 3.49 -0.07 -6.43
CA CYS A 14 3.81 -0.50 -7.79
C CYS A 14 2.64 -0.19 -8.72
N ARG A 15 1.48 0.08 -8.10
CA ARG A 15 0.25 0.45 -8.80
C ARG A 15 -0.15 -0.59 -9.82
N GLY A 16 0.17 -1.84 -9.52
CA GLY A 16 -0.18 -2.93 -10.41
C GLY A 16 -1.57 -3.47 -10.14
N VAL A 17 -1.74 -4.16 -9.03
CA VAL A 17 -3.03 -4.75 -8.69
C VAL A 17 -3.57 -4.11 -7.42
N ASP A 18 -4.65 -4.67 -6.89
CA ASP A 18 -5.27 -4.18 -5.67
C ASP A 18 -4.30 -4.20 -4.50
N GLY A 19 -4.44 -3.23 -3.62
CA GLY A 19 -3.65 -3.17 -2.41
C GLY A 19 -4.33 -3.93 -1.28
N LYS A 20 -4.41 -5.24 -1.45
CA LYS A 20 -5.05 -6.11 -0.47
C LYS A 20 -4.41 -6.00 0.92
N TYR A 21 -3.12 -5.74 0.95
CA TYR A 21 -2.42 -5.58 2.21
C TYR A 21 -2.25 -4.10 2.55
N LYS A 22 -2.24 -3.79 3.84
CA LYS A 22 -2.18 -2.40 4.27
C LYS A 22 -1.12 -2.21 5.35
N CYS A 23 -0.45 -1.05 5.31
CA CYS A 23 0.58 -0.72 6.28
C CYS A 23 -0.02 0.11 7.41
N PRO A 24 -0.22 -0.50 8.59
CA PRO A 24 -0.88 0.17 9.72
C PRO A 24 -0.09 1.37 10.24
N LYS A 25 1.18 1.43 9.87
CA LYS A 25 2.06 2.49 10.33
C LYS A 25 1.74 3.81 9.64
N CYS A 26 1.84 3.82 8.31
CA CYS A 26 1.62 5.04 7.54
C CYS A 26 0.20 5.06 6.99
N GLY A 27 -0.29 3.89 6.62
CA GLY A 27 -1.64 3.78 6.09
C GLY A 27 -1.63 3.47 4.60
N VAL A 28 -0.48 3.04 4.09
CA VAL A 28 -0.34 2.79 2.67
C VAL A 28 -0.91 1.42 2.31
N ARG A 29 -1.26 1.26 1.05
CA ARG A 29 -1.80 0.02 0.54
C ARG A 29 -0.84 -0.61 -0.46
N TYR A 30 -0.46 -1.85 -0.21
CA TYR A 30 0.40 -2.59 -1.11
C TYR A 30 -0.24 -3.90 -1.52
N CYS A 31 0.11 -4.33 -2.72
CA CYS A 31 -0.46 -5.53 -3.30
C CYS A 31 -0.02 -6.78 -2.54
N SER A 32 1.16 -6.73 -1.93
CA SER A 32 1.71 -7.89 -1.23
C SER A 32 2.92 -7.48 -0.38
N LEU A 33 3.54 -8.48 0.26
CA LEU A 33 4.71 -8.24 1.10
C LEU A 33 5.88 -7.70 0.29
N LYS A 34 5.90 -8.02 -1.00
CA LYS A 34 6.96 -7.57 -1.90
C LYS A 34 7.08 -6.05 -1.92
N CYS A 35 5.95 -5.37 -1.97
CA CYS A 35 5.95 -3.91 -1.93
C CYS A 35 5.96 -3.41 -0.49
N TYR A 36 5.49 -4.25 0.44
CA TYR A 36 5.55 -3.94 1.85
C TYR A 36 7.00 -3.66 2.25
N LYS A 37 7.86 -4.62 2.00
CA LYS A 37 9.25 -4.53 2.39
C LYS A 37 10.08 -3.78 1.36
N ASP A 38 9.57 -2.64 0.93
CA ASP A 38 10.27 -1.77 0.02
C ASP A 38 10.76 -0.54 0.76
N ALA A 39 11.93 -0.06 0.39
CA ALA A 39 12.51 1.11 1.03
C ALA A 39 12.85 2.18 0.00
N ALA A 40 12.11 2.19 -1.09
CA ALA A 40 12.29 3.18 -2.14
C ALA A 40 11.05 4.02 -2.31
N LYS A 41 9.91 3.36 -2.29
CA LYS A 41 8.63 4.03 -2.41
C LYS A 41 7.88 3.94 -1.10
N HIS A 42 8.04 2.82 -0.40
CA HIS A 42 7.42 2.65 0.91
C HIS A 42 8.23 3.40 1.96
N VAL A 43 7.83 4.63 2.23
CA VAL A 43 8.62 5.53 3.06
C VAL A 43 8.05 5.67 4.46
N HIS A 44 8.93 5.55 5.43
CA HIS A 44 8.57 5.66 6.83
C HIS A 44 9.49 6.63 7.54
N LYS A 45 10.02 7.60 6.79
CA LYS A 45 10.95 8.61 7.29
C LYS A 45 12.32 7.98 7.58
N GLU A 46 12.34 7.03 8.51
CA GLU A 46 13.54 6.31 8.85
C GLU A 46 13.22 4.84 9.10
N SER A 47 14.11 3.97 8.70
CA SER A 47 13.93 2.53 8.85
C SER A 47 15.28 1.83 8.92
N GLU A 48 15.87 1.81 10.11
CA GLU A 48 17.16 1.16 10.30
C GLU A 48 16.96 -0.30 10.65
N GLN A 49 15.93 -0.58 11.44
CA GLN A 49 15.59 -1.94 11.82
C GLN A 49 14.09 -2.15 11.73
N GLY A 1 -20.05 -8.80 -15.70
CA GLY A 1 -20.83 -8.03 -14.70
C GLY A 1 -19.96 -7.09 -13.89
N PRO A 2 -20.44 -6.61 -12.74
CA PRO A 2 -19.68 -5.70 -11.88
C PRO A 2 -18.56 -6.42 -11.13
N HIS A 3 -17.47 -6.69 -11.84
CA HIS A 3 -16.30 -7.30 -11.23
C HIS A 3 -15.59 -6.27 -10.37
N MET A 4 -15.64 -5.03 -10.81
CA MET A 4 -15.09 -3.92 -10.06
C MET A 4 -16.18 -2.92 -9.73
N VAL A 5 -16.39 -2.67 -8.45
CA VAL A 5 -17.41 -1.73 -8.00
C VAL A 5 -16.76 -0.63 -7.16
N SER A 6 -15.45 -0.48 -7.35
CA SER A 6 -14.66 0.57 -6.70
C SER A 6 -14.61 0.41 -5.18
N SER A 7 -14.91 -0.79 -4.69
CA SER A 7 -14.82 -1.07 -3.26
C SER A 7 -13.42 -1.57 -2.92
N ALA A 8 -12.67 -1.92 -3.95
CA ALA A 8 -11.31 -2.39 -3.77
C ALA A 8 -10.33 -1.32 -4.17
N VAL A 9 -9.15 -1.40 -3.62
CA VAL A 9 -8.16 -0.36 -3.77
C VAL A 9 -6.93 -0.92 -4.47
N LYS A 10 -6.14 -0.05 -5.09
CA LYS A 10 -4.93 -0.50 -5.80
C LYS A 10 -3.69 -0.23 -4.97
N CYS A 11 -2.62 -0.95 -5.28
CA CYS A 11 -1.35 -0.80 -4.59
C CYS A 11 -0.77 0.59 -4.83
N GLY A 12 -0.49 1.31 -3.76
CA GLY A 12 0.02 2.66 -3.89
C GLY A 12 1.52 2.70 -4.08
N ILE A 13 2.14 1.53 -4.15
CA ILE A 13 3.58 1.46 -4.26
C ILE A 13 4.01 1.08 -5.67
N CYS A 14 3.23 0.22 -6.33
CA CYS A 14 3.57 -0.17 -7.69
C CYS A 14 2.45 0.18 -8.67
N ARG A 15 1.26 0.44 -8.11
CA ARG A 15 0.07 0.77 -8.90
C ARG A 15 -0.30 -0.38 -9.85
N GLY A 16 0.16 -1.58 -9.52
CA GLY A 16 -0.03 -2.71 -10.41
C GLY A 16 -1.36 -3.39 -10.19
N VAL A 17 -1.50 -4.06 -9.06
CA VAL A 17 -2.73 -4.77 -8.75
C VAL A 17 -3.37 -4.17 -7.51
N ASP A 18 -4.39 -4.85 -7.01
CA ASP A 18 -5.11 -4.39 -5.83
C ASP A 18 -4.20 -4.31 -4.61
N GLY A 19 -4.47 -3.33 -3.75
CA GLY A 19 -3.73 -3.20 -2.52
C GLY A 19 -4.44 -3.88 -1.39
N LYS A 20 -4.45 -5.20 -1.44
CA LYS A 20 -5.15 -6.03 -0.46
C LYS A 20 -4.59 -5.83 0.95
N TYR A 21 -3.30 -5.54 1.03
CA TYR A 21 -2.64 -5.34 2.31
C TYR A 21 -2.48 -3.84 2.58
N LYS A 22 -2.48 -3.47 3.85
CA LYS A 22 -2.35 -2.07 4.22
C LYS A 22 -1.37 -1.90 5.39
N CYS A 23 -0.66 -0.79 5.39
CA CYS A 23 0.32 -0.51 6.43
C CYS A 23 -0.32 0.38 7.51
N PRO A 24 -0.58 -0.17 8.69
CA PRO A 24 -1.20 0.58 9.79
C PRO A 24 -0.28 1.66 10.36
N LYS A 25 0.95 1.71 9.86
CA LYS A 25 1.93 2.67 10.33
C LYS A 25 1.83 3.97 9.56
N CYS A 26 2.06 3.91 8.25
CA CYS A 26 2.07 5.12 7.44
C CYS A 26 0.72 5.29 6.74
N GLY A 27 0.04 4.18 6.50
CA GLY A 27 -1.27 4.23 5.90
C GLY A 27 -1.23 3.91 4.42
N VAL A 28 -0.14 3.27 4.00
CA VAL A 28 0.05 2.95 2.60
C VAL A 28 -0.65 1.63 2.25
N ARG A 29 -0.97 1.48 0.98
CA ARG A 29 -1.60 0.26 0.47
C ARG A 29 -0.62 -0.47 -0.44
N TYR A 30 -0.43 -1.74 -0.19
CA TYR A 30 0.43 -2.55 -1.05
C TYR A 30 -0.25 -3.85 -1.44
N CYS A 31 0.15 -4.33 -2.60
CA CYS A 31 -0.41 -5.51 -3.20
C CYS A 31 0.07 -6.77 -2.49
N SER A 32 1.23 -6.68 -1.85
CA SER A 32 1.82 -7.83 -1.20
C SER A 32 3.10 -7.44 -0.46
N LEU A 33 3.83 -8.45 0.01
CA LEU A 33 5.11 -8.22 0.65
C LEU A 33 6.12 -7.60 -0.30
N LYS A 34 5.88 -7.77 -1.60
CA LYS A 34 6.79 -7.26 -2.62
C LYS A 34 6.93 -5.73 -2.51
N CYS A 35 5.85 -5.09 -2.09
CA CYS A 35 5.86 -3.65 -1.90
C CYS A 35 5.86 -3.31 -0.41
N TYR A 36 5.44 -4.26 0.41
CA TYR A 36 5.44 -4.08 1.87
C TYR A 36 6.87 -3.86 2.36
N LYS A 37 7.74 -4.81 2.08
CA LYS A 37 9.12 -4.76 2.55
C LYS A 37 9.99 -3.99 1.57
N ASP A 38 9.53 -2.81 1.18
CA ASP A 38 10.26 -1.94 0.31
C ASP A 38 10.72 -0.71 1.07
N ALA A 39 11.88 -0.19 0.72
CA ALA A 39 12.41 1.00 1.37
C ALA A 39 12.77 2.08 0.36
N ALA A 40 12.11 2.03 -0.79
CA ALA A 40 12.36 2.99 -1.84
C ALA A 40 11.12 3.80 -2.14
N LYS A 41 9.99 3.11 -2.17
CA LYS A 41 8.70 3.74 -2.41
C LYS A 41 7.84 3.67 -1.16
N HIS A 42 8.08 2.63 -0.35
CA HIS A 42 7.44 2.53 0.94
C HIS A 42 8.25 3.33 1.96
N VAL A 43 7.79 4.54 2.23
CA VAL A 43 8.57 5.47 3.01
C VAL A 43 8.23 5.40 4.50
N HIS A 44 9.21 4.96 5.26
CA HIS A 44 9.13 4.93 6.70
C HIS A 44 10.32 5.65 7.30
N LYS A 45 11.52 5.21 6.95
CA LYS A 45 12.74 5.83 7.42
C LYS A 45 13.26 6.84 6.40
N GLU A 46 12.76 8.06 6.49
CA GLU A 46 13.16 9.11 5.59
C GLU A 46 12.98 10.47 6.26
N SER A 47 13.89 11.38 5.96
CA SER A 47 13.85 12.72 6.52
C SER A 47 14.45 13.69 5.53
N GLU A 48 13.64 14.08 4.54
CA GLU A 48 14.08 14.99 3.50
C GLU A 48 14.49 16.33 4.10
N GLN A 49 15.78 16.57 4.16
CA GLN A 49 16.32 17.80 4.68
C GLN A 49 17.76 17.97 4.17
N GLY A 1 -14.12 -14.08 2.38
CA GLY A 1 -14.30 -13.02 3.38
C GLY A 1 -15.45 -12.10 3.02
N PRO A 2 -15.42 -10.84 3.51
CA PRO A 2 -16.47 -9.86 3.22
C PRO A 2 -16.75 -9.71 1.73
N HIS A 3 -18.01 -9.85 1.35
CA HIS A 3 -18.40 -9.78 -0.05
C HIS A 3 -19.03 -8.43 -0.35
N MET A 4 -18.24 -7.38 -0.19
CA MET A 4 -18.73 -6.03 -0.43
C MET A 4 -18.06 -5.45 -1.67
N VAL A 5 -16.75 -5.25 -1.60
CA VAL A 5 -15.98 -4.70 -2.71
C VAL A 5 -16.62 -3.39 -3.21
N SER A 6 -16.95 -2.53 -2.26
CA SER A 6 -17.56 -1.26 -2.58
C SER A 6 -16.49 -0.17 -2.65
N SER A 7 -15.31 -0.49 -2.15
CA SER A 7 -14.17 0.40 -2.23
C SER A 7 -12.89 -0.41 -2.35
N ALA A 8 -12.51 -0.72 -3.58
CA ALA A 8 -11.30 -1.46 -3.84
C ALA A 8 -10.17 -0.51 -4.12
N VAL A 9 -8.98 -0.92 -3.75
CA VAL A 9 -7.86 -0.04 -3.78
C VAL A 9 -6.69 -0.72 -4.47
N LYS A 10 -5.92 0.04 -5.22
CA LYS A 10 -4.76 -0.51 -5.91
C LYS A 10 -3.49 -0.18 -5.14
N CYS A 11 -2.49 -1.04 -5.29
CA CYS A 11 -1.21 -0.87 -4.60
C CYS A 11 -0.62 0.50 -4.91
N GLY A 12 -0.46 1.32 -3.90
CA GLY A 12 0.03 2.66 -4.10
C GLY A 12 1.53 2.72 -4.34
N ILE A 13 2.18 1.56 -4.30
CA ILE A 13 3.63 1.51 -4.42
C ILE A 13 4.04 1.13 -5.84
N CYS A 14 3.28 0.23 -6.46
CA CYS A 14 3.61 -0.19 -7.82
C CYS A 14 2.46 0.09 -8.78
N ARG A 15 1.28 0.29 -8.21
CA ARG A 15 0.06 0.56 -8.97
C ARG A 15 -0.28 -0.58 -9.92
N GLY A 16 0.04 -1.81 -9.50
CA GLY A 16 -0.23 -2.97 -10.31
C GLY A 16 -1.62 -3.53 -10.06
N VAL A 17 -1.77 -4.26 -8.97
CA VAL A 17 -3.03 -4.89 -8.64
C VAL A 17 -3.63 -4.27 -7.38
N ASP A 18 -4.73 -4.84 -6.90
CA ASP A 18 -5.40 -4.35 -5.70
C ASP A 18 -4.48 -4.49 -4.48
N GLY A 19 -4.51 -3.47 -3.64
CA GLY A 19 -3.72 -3.49 -2.42
C GLY A 19 -4.41 -4.26 -1.32
N LYS A 20 -4.28 -5.58 -1.37
CA LYS A 20 -4.94 -6.45 -0.40
C LYS A 20 -4.36 -6.26 1.01
N TYR A 21 -3.12 -5.80 1.08
CA TYR A 21 -2.48 -5.55 2.36
C TYR A 21 -2.41 -4.06 2.64
N LYS A 22 -2.37 -3.69 3.91
CA LYS A 22 -2.36 -2.29 4.30
C LYS A 22 -1.31 -2.05 5.38
N CYS A 23 -0.71 -0.87 5.36
CA CYS A 23 0.33 -0.53 6.32
C CYS A 23 -0.25 0.36 7.41
N PRO A 24 -0.50 -0.20 8.61
CA PRO A 24 -1.12 0.54 9.72
C PRO A 24 -0.24 1.67 10.25
N LYS A 25 1.03 1.66 9.84
CA LYS A 25 1.98 2.66 10.30
C LYS A 25 1.76 3.98 9.58
N CYS A 26 1.86 3.95 8.26
CA CYS A 26 1.78 5.16 7.46
C CYS A 26 0.39 5.30 6.83
N GLY A 27 -0.21 4.16 6.52
CA GLY A 27 -1.56 4.17 5.97
C GLY A 27 -1.56 3.86 4.48
N VAL A 28 -0.52 3.20 4.02
CA VAL A 28 -0.38 2.90 2.61
C VAL A 28 -0.98 1.54 2.26
N ARG A 29 -1.30 1.35 1.00
CA ARG A 29 -1.83 0.08 0.51
C ARG A 29 -0.86 -0.56 -0.47
N TYR A 30 -0.51 -1.81 -0.21
CA TYR A 30 0.37 -2.54 -1.11
C TYR A 30 -0.24 -3.87 -1.52
N CYS A 31 0.19 -4.34 -2.68
CA CYS A 31 -0.33 -5.53 -3.30
C CYS A 31 0.10 -6.78 -2.56
N SER A 32 1.20 -6.69 -1.82
CA SER A 32 1.76 -7.83 -1.11
C SER A 32 3.04 -7.42 -0.39
N LEU A 33 3.78 -8.42 0.08
CA LEU A 33 5.07 -8.19 0.71
C LEU A 33 6.07 -7.60 -0.28
N LYS A 34 5.80 -7.79 -1.58
CA LYS A 34 6.66 -7.27 -2.63
C LYS A 34 6.94 -5.79 -2.43
N CYS A 35 5.88 -5.04 -2.16
CA CYS A 35 5.98 -3.61 -1.98
C CYS A 35 5.97 -3.25 -0.49
N TYR A 36 5.58 -4.20 0.34
CA TYR A 36 5.55 -3.99 1.79
C TYR A 36 6.97 -3.71 2.31
N LYS A 37 7.85 -4.67 2.13
CA LYS A 37 9.22 -4.55 2.65
C LYS A 37 10.11 -3.79 1.68
N ASP A 38 9.59 -2.67 1.19
CA ASP A 38 10.31 -1.81 0.29
C ASP A 38 10.77 -0.57 1.05
N ALA A 39 11.89 -0.01 0.66
CA ALA A 39 12.40 1.19 1.32
C ALA A 39 12.73 2.28 0.29
N ALA A 40 12.24 2.09 -0.92
CA ALA A 40 12.45 3.04 -2.00
C ALA A 40 11.23 3.93 -2.13
N LYS A 41 10.07 3.30 -2.17
CA LYS A 41 8.80 4.00 -2.29
C LYS A 41 8.03 3.89 -0.98
N HIS A 42 8.16 2.75 -0.31
CA HIS A 42 7.54 2.57 0.99
C HIS A 42 8.41 3.25 2.04
N VAL A 43 8.08 4.51 2.32
CA VAL A 43 8.92 5.33 3.18
C VAL A 43 8.45 5.28 4.62
N HIS A 44 9.36 4.86 5.49
CA HIS A 44 9.09 4.79 6.91
C HIS A 44 10.24 5.38 7.70
N LYS A 45 9.92 5.85 8.90
CA LYS A 45 10.92 6.29 9.84
C LYS A 45 10.88 5.39 11.06
N GLU A 46 9.82 5.55 11.85
CA GLU A 46 9.56 4.73 13.05
C GLU A 46 10.64 4.90 14.11
N SER A 47 10.20 4.93 15.37
CA SER A 47 11.07 5.09 16.53
C SER A 47 11.62 6.51 16.61
N GLU A 48 12.36 6.93 15.58
CA GLU A 48 12.95 8.26 15.54
C GLU A 48 13.88 8.46 16.74
N GLN A 49 14.91 7.64 16.81
CA GLN A 49 15.86 7.70 17.90
C GLN A 49 17.24 8.10 17.37
N GLY A 1 -11.47 -5.80 -10.12
CA GLY A 1 -12.90 -5.61 -10.49
C GLY A 1 -13.04 -4.85 -11.81
N PRO A 2 -13.93 -5.30 -12.71
CA PRO A 2 -14.15 -4.64 -13.99
C PRO A 2 -14.96 -3.35 -13.84
N HIS A 3 -14.26 -2.22 -13.86
CA HIS A 3 -14.90 -0.91 -13.73
C HIS A 3 -15.63 -0.79 -12.40
N MET A 4 -14.91 -0.99 -11.32
CA MET A 4 -15.49 -0.95 -9.98
C MET A 4 -14.83 0.12 -9.13
N VAL A 5 -13.52 -0.04 -8.87
CA VAL A 5 -12.75 0.87 -8.01
C VAL A 5 -13.53 1.30 -6.77
N SER A 6 -14.26 0.35 -6.21
CA SER A 6 -15.05 0.56 -5.01
C SER A 6 -14.99 -0.68 -4.13
N SER A 7 -14.89 -0.48 -2.82
CA SER A 7 -14.70 -1.58 -1.87
C SER A 7 -13.37 -2.29 -2.15
N ALA A 8 -12.48 -1.58 -2.82
CA ALA A 8 -11.16 -2.09 -3.18
C ALA A 8 -10.27 -0.96 -3.60
N VAL A 9 -8.99 -1.22 -3.60
CA VAL A 9 -7.99 -0.21 -3.81
C VAL A 9 -6.79 -0.82 -4.52
N LYS A 10 -6.04 0.00 -5.24
CA LYS A 10 -4.85 -0.49 -5.92
C LYS A 10 -3.62 -0.24 -5.06
N CYS A 11 -2.56 -0.98 -5.34
CA CYS A 11 -1.30 -0.83 -4.62
C CYS A 11 -0.72 0.56 -4.85
N GLY A 12 -0.56 1.32 -3.78
CA GLY A 12 -0.08 2.68 -3.92
C GLY A 12 1.42 2.75 -4.06
N ILE A 13 2.08 1.60 -4.11
CA ILE A 13 3.52 1.55 -4.21
C ILE A 13 3.96 1.24 -5.63
N CYS A 14 3.28 0.30 -6.29
CA CYS A 14 3.65 -0.08 -7.63
C CYS A 14 2.53 0.22 -8.63
N ARG A 15 1.33 0.45 -8.09
CA ARG A 15 0.13 0.77 -8.89
C ARG A 15 -0.23 -0.37 -9.83
N GLY A 16 0.23 -1.58 -9.51
CA GLY A 16 0.00 -2.70 -10.39
C GLY A 16 -1.37 -3.31 -10.20
N VAL A 17 -1.55 -4.05 -9.12
CA VAL A 17 -2.81 -4.70 -8.84
C VAL A 17 -3.45 -4.12 -7.59
N ASP A 18 -4.49 -4.78 -7.11
CA ASP A 18 -5.17 -4.39 -5.88
C ASP A 18 -4.21 -4.38 -4.70
N GLY A 19 -4.40 -3.40 -3.82
CA GLY A 19 -3.62 -3.31 -2.60
C GLY A 19 -4.34 -3.94 -1.45
N LYS A 20 -4.42 -5.26 -1.49
CA LYS A 20 -5.19 -6.01 -0.49
C LYS A 20 -4.62 -5.85 0.92
N TYR A 21 -3.31 -5.67 1.01
CA TYR A 21 -2.66 -5.49 2.30
C TYR A 21 -2.49 -4.00 2.61
N LYS A 22 -2.50 -3.65 3.88
CA LYS A 22 -2.42 -2.25 4.28
C LYS A 22 -1.39 -2.07 5.39
N CYS A 23 -0.73 -0.92 5.41
CA CYS A 23 0.27 -0.61 6.41
C CYS A 23 -0.33 0.28 7.50
N PRO A 24 -0.56 -0.28 8.70
CA PRO A 24 -1.16 0.46 9.82
C PRO A 24 -0.23 1.54 10.39
N LYS A 25 0.94 1.70 9.80
CA LYS A 25 1.91 2.69 10.27
C LYS A 25 1.81 3.98 9.46
N CYS A 26 2.01 3.89 8.15
CA CYS A 26 1.96 5.07 7.29
C CYS A 26 0.58 5.24 6.68
N GLY A 27 -0.09 4.11 6.46
CA GLY A 27 -1.42 4.14 5.89
C GLY A 27 -1.40 3.78 4.43
N VAL A 28 -0.32 3.17 3.98
CA VAL A 28 -0.15 2.84 2.58
C VAL A 28 -0.83 1.52 2.24
N ARG A 29 -1.12 1.32 0.97
CA ARG A 29 -1.72 0.10 0.47
C ARG A 29 -0.76 -0.60 -0.47
N TYR A 30 -0.50 -1.87 -0.21
CA TYR A 30 0.39 -2.63 -1.07
C TYR A 30 -0.26 -3.94 -1.51
N CYS A 31 0.12 -4.35 -2.70
CA CYS A 31 -0.42 -5.54 -3.33
C CYS A 31 0.07 -6.81 -2.62
N SER A 32 1.20 -6.72 -1.93
CA SER A 32 1.77 -7.87 -1.25
C SER A 32 2.97 -7.48 -0.41
N LEU A 33 3.71 -8.49 0.04
CA LEU A 33 4.90 -8.29 0.86
C LEU A 33 6.02 -7.68 0.01
N LYS A 34 5.90 -7.83 -1.31
CA LYS A 34 6.92 -7.32 -2.23
C LYS A 34 7.03 -5.81 -2.15
N CYS A 35 5.89 -5.15 -2.03
CA CYS A 35 5.87 -3.70 -1.87
C CYS A 35 5.87 -3.32 -0.39
N TYR A 36 5.43 -4.24 0.45
CA TYR A 36 5.43 -4.03 1.89
C TYR A 36 6.85 -3.75 2.39
N LYS A 37 7.74 -4.69 2.14
CA LYS A 37 9.12 -4.57 2.58
C LYS A 37 9.96 -3.81 1.56
N ASP A 38 9.44 -2.70 1.08
CA ASP A 38 10.17 -1.82 0.19
C ASP A 38 10.57 -0.56 0.95
N ALA A 39 11.76 -0.07 0.70
CA ALA A 39 12.24 1.14 1.36
C ALA A 39 12.69 2.18 0.33
N ALA A 40 12.14 2.08 -0.86
CA ALA A 40 12.47 3.01 -1.94
C ALA A 40 11.25 3.88 -2.24
N LYS A 41 10.10 3.23 -2.32
CA LYS A 41 8.84 3.90 -2.54
C LYS A 41 8.02 3.89 -1.26
N HIS A 42 8.11 2.78 -0.53
CA HIS A 42 7.46 2.69 0.76
C HIS A 42 8.39 3.20 1.85
N VAL A 43 8.38 4.50 2.06
CA VAL A 43 9.32 5.11 2.99
C VAL A 43 8.67 5.44 4.31
N HIS A 44 9.23 4.87 5.36
CA HIS A 44 8.83 5.13 6.72
C HIS A 44 9.78 6.11 7.40
N LYS A 45 9.36 6.62 8.54
CA LYS A 45 10.19 7.49 9.35
C LYS A 45 10.94 6.67 10.40
N GLU A 46 10.95 5.36 10.18
CA GLU A 46 11.64 4.44 11.06
C GLU A 46 13.04 4.16 10.54
N SER A 47 13.42 4.90 9.51
CA SER A 47 14.73 4.75 8.88
C SER A 47 15.81 5.34 9.77
N GLU A 48 16.36 4.52 10.65
CA GLU A 48 17.46 4.93 11.51
C GLU A 48 18.75 4.98 10.70
N GLN A 49 18.89 6.03 9.90
CA GLN A 49 20.04 6.20 9.02
C GLN A 49 20.27 7.67 8.76
N GLY A 1 -10.74 -11.25 6.93
CA GLY A 1 -11.42 -11.52 5.64
C GLY A 1 -12.21 -10.32 5.15
N PRO A 2 -12.14 -10.02 3.84
CA PRO A 2 -12.87 -8.89 3.26
C PRO A 2 -14.37 -9.12 3.23
N HIS A 3 -15.13 -8.07 3.51
CA HIS A 3 -16.58 -8.15 3.50
C HIS A 3 -17.16 -7.46 2.27
N MET A 4 -16.34 -6.60 1.65
CA MET A 4 -16.77 -5.89 0.46
C MET A 4 -15.77 -6.10 -0.67
N VAL A 5 -16.29 -6.38 -1.85
CA VAL A 5 -15.45 -6.51 -3.04
C VAL A 5 -15.37 -5.17 -3.75
N SER A 6 -16.33 -4.30 -3.47
CA SER A 6 -16.36 -2.96 -4.02
C SER A 6 -15.62 -2.01 -3.09
N SER A 7 -15.36 -0.79 -3.57
CA SER A 7 -14.59 0.20 -2.84
C SER A 7 -13.20 -0.34 -2.54
N ALA A 8 -12.60 -0.97 -3.54
CA ALA A 8 -11.30 -1.57 -3.40
C ALA A 8 -10.23 -0.57 -3.78
N VAL A 9 -9.00 -0.98 -3.63
CA VAL A 9 -7.90 -0.06 -3.74
C VAL A 9 -6.74 -0.70 -4.49
N LYS A 10 -5.95 0.12 -5.14
CA LYS A 10 -4.79 -0.37 -5.86
C LYS A 10 -3.53 -0.17 -5.03
N CYS A 11 -2.50 -0.96 -5.32
CA CYS A 11 -1.25 -0.86 -4.61
C CYS A 11 -0.63 0.51 -4.82
N GLY A 12 -0.53 1.29 -3.75
CA GLY A 12 -0.03 2.64 -3.87
C GLY A 12 1.48 2.70 -4.01
N ILE A 13 2.11 1.53 -4.11
CA ILE A 13 3.56 1.46 -4.18
C ILE A 13 4.03 1.08 -5.59
N CYS A 14 3.25 0.25 -6.28
CA CYS A 14 3.63 -0.17 -7.63
C CYS A 14 2.52 0.12 -8.63
N ARG A 15 1.32 0.40 -8.09
CA ARG A 15 0.14 0.76 -8.90
C ARG A 15 -0.20 -0.32 -9.92
N GLY A 16 0.11 -1.56 -9.59
CA GLY A 16 -0.16 -2.66 -10.48
C GLY A 16 -1.53 -3.27 -10.24
N VAL A 17 -1.66 -4.01 -9.16
CA VAL A 17 -2.91 -4.68 -8.82
C VAL A 17 -3.54 -4.07 -7.57
N ASP A 18 -4.56 -4.72 -7.05
CA ASP A 18 -5.23 -4.25 -5.84
C ASP A 18 -4.30 -4.31 -4.63
N GLY A 19 -4.44 -3.34 -3.75
CA GLY A 19 -3.66 -3.31 -2.54
C GLY A 19 -4.36 -4.03 -1.40
N LYS A 20 -4.37 -5.35 -1.49
CA LYS A 20 -5.08 -6.19 -0.52
C LYS A 20 -4.55 -5.99 0.91
N TYR A 21 -3.26 -5.73 1.02
CA TYR A 21 -2.65 -5.52 2.33
C TYR A 21 -2.48 -4.04 2.62
N LYS A 22 -2.38 -3.68 3.89
CA LYS A 22 -2.33 -2.29 4.29
C LYS A 22 -1.36 -2.09 5.44
N CYS A 23 -0.68 -0.96 5.45
CA CYS A 23 0.27 -0.65 6.51
C CYS A 23 -0.39 0.20 7.60
N PRO A 24 -0.51 -0.35 8.80
CA PRO A 24 -1.09 0.38 9.94
C PRO A 24 -0.20 1.53 10.43
N LYS A 25 1.00 1.65 9.87
CA LYS A 25 1.93 2.68 10.29
C LYS A 25 1.83 3.93 9.43
N CYS A 26 2.02 3.78 8.12
CA CYS A 26 2.00 4.94 7.23
C CYS A 26 0.64 5.10 6.56
N GLY A 27 -0.10 4.00 6.49
CA GLY A 27 -1.42 4.04 5.90
C GLY A 27 -1.38 3.74 4.43
N VAL A 28 -0.33 3.06 4.02
CA VAL A 28 -0.14 2.74 2.62
C VAL A 28 -0.81 1.41 2.27
N ARG A 29 -1.11 1.24 1.02
CA ARG A 29 -1.71 0.03 0.50
C ARG A 29 -0.75 -0.68 -0.43
N TYR A 30 -0.51 -1.95 -0.19
CA TYR A 30 0.38 -2.72 -1.05
C TYR A 30 -0.26 -4.02 -1.48
N CYS A 31 0.20 -4.49 -2.63
CA CYS A 31 -0.33 -5.69 -3.26
C CYS A 31 0.19 -6.95 -2.57
N SER A 32 1.33 -6.83 -1.87
CA SER A 32 1.93 -7.96 -1.19
C SER A 32 3.16 -7.53 -0.39
N LEU A 33 3.95 -8.50 0.06
CA LEU A 33 5.19 -8.22 0.78
C LEU A 33 6.21 -7.55 -0.13
N LYS A 34 6.07 -7.73 -1.44
CA LYS A 34 7.03 -7.18 -2.39
C LYS A 34 7.09 -5.67 -2.29
N CYS A 35 5.94 -5.06 -2.02
CA CYS A 35 5.87 -3.63 -1.84
C CYS A 35 5.82 -3.28 -0.35
N TYR A 36 5.38 -4.23 0.46
CA TYR A 36 5.34 -4.05 1.91
C TYR A 36 6.76 -3.79 2.42
N LYS A 37 7.65 -4.73 2.14
CA LYS A 37 9.01 -4.66 2.64
C LYS A 37 9.92 -3.88 1.69
N ASP A 38 9.41 -2.79 1.17
CA ASP A 38 10.19 -1.91 0.31
C ASP A 38 10.50 -0.63 1.06
N ALA A 39 11.70 -0.12 0.87
CA ALA A 39 12.08 1.14 1.49
C ALA A 39 12.62 2.11 0.44
N ALA A 40 12.13 1.98 -0.77
CA ALA A 40 12.51 2.86 -1.86
C ALA A 40 11.31 3.72 -2.26
N LYS A 41 10.18 3.05 -2.42
CA LYS A 41 8.93 3.71 -2.72
C LYS A 41 8.10 3.79 -1.45
N HIS A 42 8.17 2.74 -0.65
CA HIS A 42 7.50 2.70 0.64
C HIS A 42 8.42 3.28 1.71
N VAL A 43 8.32 4.58 1.92
CA VAL A 43 9.20 5.24 2.86
C VAL A 43 8.45 5.71 4.09
N HIS A 44 8.89 5.22 5.23
CA HIS A 44 8.33 5.62 6.50
C HIS A 44 8.84 6.96 6.96
N LYS A 45 8.20 8.01 6.46
CA LYS A 45 8.49 9.36 6.86
C LYS A 45 7.19 10.13 7.09
N GLU A 46 6.96 10.53 8.33
CA GLU A 46 5.79 11.31 8.68
C GLU A 46 6.20 12.77 8.83
N SER A 47 7.45 13.04 8.51
CA SER A 47 8.01 14.37 8.59
C SER A 47 8.96 14.58 7.42
N GLU A 48 9.16 15.85 7.06
CA GLU A 48 10.07 16.19 5.97
C GLU A 48 11.51 16.23 6.48
N GLN A 49 11.69 15.86 7.74
CA GLN A 49 13.00 15.76 8.35
C GLN A 49 13.15 14.41 9.03
N GLY A 1 -20.05 2.60 4.54
CA GLY A 1 -21.32 1.83 4.62
C GLY A 1 -21.78 1.35 3.26
N PRO A 2 -23.09 1.07 3.09
CA PRO A 2 -23.63 0.58 1.83
C PRO A 2 -23.88 1.70 0.83
N HIS A 3 -22.86 2.53 0.62
CA HIS A 3 -22.95 3.64 -0.32
C HIS A 3 -21.64 3.81 -1.06
N MET A 4 -20.92 2.71 -1.24
CA MET A 4 -19.63 2.74 -1.93
C MET A 4 -19.19 1.32 -2.28
N VAL A 5 -19.10 1.03 -3.57
CA VAL A 5 -18.66 -0.27 -4.03
C VAL A 5 -17.14 -0.31 -4.18
N SER A 6 -16.53 0.86 -4.32
CA SER A 6 -15.11 0.97 -4.52
C SER A 6 -14.33 0.85 -3.20
N SER A 7 -14.49 -0.28 -2.53
CA SER A 7 -13.79 -0.52 -1.28
C SER A 7 -12.40 -1.10 -1.55
N ALA A 8 -12.21 -1.61 -2.76
CA ALA A 8 -10.92 -2.14 -3.18
C ALA A 8 -9.97 -1.01 -3.52
N VAL A 9 -8.69 -1.26 -3.33
CA VAL A 9 -7.66 -0.28 -3.63
C VAL A 9 -6.73 -0.78 -4.69
N LYS A 10 -5.82 0.08 -5.08
CA LYS A 10 -4.71 -0.31 -5.90
C LYS A 10 -3.43 0.05 -5.17
N CYS A 11 -2.48 -0.86 -5.20
CA CYS A 11 -1.21 -0.71 -4.50
C CYS A 11 -0.60 0.67 -4.77
N GLY A 12 -0.52 1.48 -3.74
CA GLY A 12 -0.01 2.82 -3.89
C GLY A 12 1.50 2.88 -3.96
N ILE A 13 2.12 1.72 -4.12
CA ILE A 13 3.57 1.65 -4.18
C ILE A 13 4.04 1.30 -5.59
N CYS A 14 3.34 0.38 -6.24
CA CYS A 14 3.72 -0.02 -7.59
C CYS A 14 2.61 0.32 -8.60
N ARG A 15 1.40 0.52 -8.08
CA ARG A 15 0.23 0.82 -8.89
C ARG A 15 -0.04 -0.31 -9.88
N GLY A 16 0.26 -1.53 -9.44
CA GLY A 16 0.12 -2.69 -10.30
C GLY A 16 -1.25 -3.32 -10.16
N VAL A 17 -1.48 -3.94 -9.01
CA VAL A 17 -2.75 -4.60 -8.76
C VAL A 17 -3.40 -4.04 -7.51
N ASP A 18 -4.45 -4.69 -7.06
CA ASP A 18 -5.21 -4.26 -5.89
C ASP A 18 -4.35 -4.30 -4.63
N GLY A 19 -4.51 -3.30 -3.78
CA GLY A 19 -3.80 -3.27 -2.52
C GLY A 19 -4.52 -4.07 -1.45
N LYS A 20 -4.39 -5.40 -1.53
CA LYS A 20 -5.06 -6.28 -0.59
C LYS A 20 -4.43 -6.23 0.80
N TYR A 21 -3.22 -5.69 0.89
CA TYR A 21 -2.54 -5.55 2.17
C TYR A 21 -2.47 -4.09 2.58
N LYS A 22 -2.31 -3.83 3.87
CA LYS A 22 -2.36 -2.47 4.38
C LYS A 22 -1.30 -2.24 5.46
N CYS A 23 -0.77 -1.02 5.51
CA CYS A 23 0.20 -0.66 6.53
C CYS A 23 -0.47 0.20 7.59
N PRO A 24 -0.60 -0.33 8.80
CA PRO A 24 -1.18 0.41 9.93
C PRO A 24 -0.26 1.53 10.44
N LYS A 25 0.90 1.67 9.83
CA LYS A 25 1.88 2.67 10.26
C LYS A 25 1.80 3.93 9.39
N CYS A 26 1.95 3.77 8.08
CA CYS A 26 1.90 4.93 7.18
C CYS A 26 0.55 5.04 6.51
N GLY A 27 -0.22 3.96 6.56
CA GLY A 27 -1.57 3.99 6.06
C GLY A 27 -1.64 3.58 4.62
N VAL A 28 -0.52 3.08 4.12
CA VAL A 28 -0.39 2.76 2.71
C VAL A 28 -1.05 1.41 2.39
N ARG A 29 -1.40 1.24 1.14
CA ARG A 29 -2.01 0.01 0.65
C ARG A 29 -1.09 -0.63 -0.38
N TYR A 30 -0.63 -1.83 -0.08
CA TYR A 30 0.25 -2.53 -1.01
C TYR A 30 -0.39 -3.82 -1.50
N CYS A 31 0.06 -4.24 -2.67
CA CYS A 31 -0.46 -5.42 -3.33
C CYS A 31 -0.05 -6.70 -2.60
N SER A 32 1.13 -6.66 -1.98
CA SER A 32 1.69 -7.82 -1.30
C SER A 32 2.92 -7.43 -0.49
N LEU A 33 3.67 -8.41 -0.01
CA LEU A 33 4.86 -8.17 0.79
C LEU A 33 5.95 -7.50 -0.05
N LYS A 34 5.89 -7.71 -1.37
CA LYS A 34 6.85 -7.14 -2.32
C LYS A 34 7.00 -5.63 -2.12
N CYS A 35 5.87 -4.96 -1.95
CA CYS A 35 5.88 -3.52 -1.77
C CYS A 35 5.82 -3.16 -0.28
N TYR A 36 5.36 -4.11 0.53
CA TYR A 36 5.33 -3.92 1.97
C TYR A 36 6.75 -3.67 2.48
N LYS A 37 7.62 -4.66 2.30
CA LYS A 37 8.99 -4.57 2.79
C LYS A 37 9.89 -3.91 1.74
N ASP A 38 9.47 -2.74 1.29
CA ASP A 38 10.24 -1.97 0.35
C ASP A 38 10.62 -0.65 0.99
N ALA A 39 11.80 -0.15 0.66
CA ALA A 39 12.28 1.12 1.21
C ALA A 39 12.71 2.05 0.09
N ALA A 40 12.36 1.69 -1.13
CA ALA A 40 12.71 2.49 -2.30
C ALA A 40 11.53 3.35 -2.69
N LYS A 41 10.35 2.76 -2.65
CA LYS A 41 9.12 3.47 -2.93
C LYS A 41 8.31 3.66 -1.66
N HIS A 42 8.30 2.63 -0.83
CA HIS A 42 7.62 2.68 0.47
C HIS A 42 8.55 3.31 1.50
N VAL A 43 8.24 4.52 1.92
CA VAL A 43 9.09 5.23 2.85
C VAL A 43 8.33 5.57 4.12
N HIS A 44 8.96 5.27 5.24
CA HIS A 44 8.39 5.59 6.54
C HIS A 44 8.96 6.86 7.12
N LYS A 45 8.11 7.88 7.21
CA LYS A 45 8.45 9.10 7.90
C LYS A 45 8.13 8.94 9.39
N GLU A 46 7.82 10.03 10.07
CA GLU A 46 7.47 9.99 11.48
C GLU A 46 6.18 9.21 11.70
N SER A 47 6.31 7.93 12.03
CA SER A 47 5.15 7.10 12.31
C SER A 47 5.05 6.82 13.81
N GLU A 48 6.18 6.85 14.50
CA GLU A 48 6.21 6.65 15.94
C GLU A 48 5.86 7.95 16.67
N GLN A 49 4.67 8.46 16.42
CA GLN A 49 4.21 9.68 17.06
C GLN A 49 3.28 9.35 18.22
N GLY A 1 -12.07 -6.60 -2.01
CA GLY A 1 -12.67 -7.32 -0.86
C GLY A 1 -12.82 -8.80 -1.15
N PRO A 2 -13.29 -9.60 -0.17
CA PRO A 2 -13.44 -11.05 -0.32
C PRO A 2 -14.30 -11.43 -1.54
N HIS A 3 -15.50 -10.87 -1.63
CA HIS A 3 -16.36 -11.14 -2.78
C HIS A 3 -16.72 -9.84 -3.49
N MET A 4 -16.03 -8.77 -3.13
CA MET A 4 -16.27 -7.47 -3.76
C MET A 4 -15.04 -7.00 -4.51
N VAL A 5 -15.20 -6.84 -5.82
CA VAL A 5 -14.13 -6.32 -6.65
C VAL A 5 -14.21 -4.79 -6.69
N SER A 6 -15.42 -4.29 -6.49
CA SER A 6 -15.65 -2.86 -6.39
C SER A 6 -15.36 -2.37 -4.97
N SER A 7 -15.22 -1.06 -4.80
CA SER A 7 -14.89 -0.47 -3.51
C SER A 7 -13.54 -1.00 -3.00
N ALA A 8 -12.58 -1.05 -3.91
CA ALA A 8 -11.27 -1.57 -3.61
C ALA A 8 -10.22 -0.54 -3.92
N VAL A 9 -8.98 -0.89 -3.63
CA VAL A 9 -7.89 0.04 -3.72
C VAL A 9 -6.70 -0.63 -4.40
N LYS A 10 -5.91 0.15 -5.12
CA LYS A 10 -4.77 -0.39 -5.83
C LYS A 10 -3.49 -0.13 -5.06
N CYS A 11 -2.46 -0.92 -5.34
CA CYS A 11 -1.18 -0.79 -4.65
C CYS A 11 -0.56 0.56 -4.92
N GLY A 12 -0.39 1.36 -3.87
CA GLY A 12 0.15 2.69 -4.03
C GLY A 12 1.66 2.70 -4.07
N ILE A 13 2.25 1.54 -4.34
CA ILE A 13 3.69 1.43 -4.38
C ILE A 13 4.16 1.02 -5.78
N CYS A 14 3.39 0.13 -6.43
CA CYS A 14 3.74 -0.28 -7.78
C CYS A 14 2.62 0.04 -8.76
N ARG A 15 1.44 0.33 -8.21
CA ARG A 15 0.25 0.68 -9.00
C ARG A 15 -0.12 -0.45 -9.95
N GLY A 16 0.19 -1.67 -9.56
CA GLY A 16 -0.10 -2.82 -10.39
C GLY A 16 -1.46 -3.41 -10.10
N VAL A 17 -1.56 -4.14 -9.01
CA VAL A 17 -2.81 -4.83 -8.66
C VAL A 17 -3.41 -4.22 -7.41
N ASP A 18 -4.44 -4.86 -6.88
CA ASP A 18 -5.13 -4.37 -5.69
C ASP A 18 -4.18 -4.32 -4.49
N GLY A 19 -4.39 -3.31 -3.65
CA GLY A 19 -3.63 -3.21 -2.44
C GLY A 19 -4.31 -3.96 -1.32
N LYS A 20 -4.34 -5.28 -1.44
CA LYS A 20 -5.02 -6.14 -0.49
C LYS A 20 -4.48 -6.00 0.93
N TYR A 21 -3.21 -5.66 1.04
CA TYR A 21 -2.58 -5.48 2.35
C TYR A 21 -2.41 -4.00 2.64
N LYS A 22 -2.37 -3.64 3.91
CA LYS A 22 -2.31 -2.25 4.31
C LYS A 22 -1.24 -2.05 5.38
N CYS A 23 -0.59 -0.89 5.37
CA CYS A 23 0.46 -0.59 6.33
C CYS A 23 -0.13 0.18 7.50
N PRO A 24 -0.28 -0.49 8.66
CA PRO A 24 -0.90 0.10 9.86
C PRO A 24 -0.07 1.26 10.43
N LYS A 25 1.14 1.43 9.91
CA LYS A 25 2.01 2.49 10.36
C LYS A 25 1.65 3.80 9.68
N CYS A 26 1.81 3.86 8.37
CA CYS A 26 1.61 5.10 7.62
C CYS A 26 0.19 5.17 7.06
N GLY A 27 -0.30 4.01 6.62
CA GLY A 27 -1.62 3.94 6.05
C GLY A 27 -1.60 3.62 4.57
N VAL A 28 -0.45 3.20 4.08
CA VAL A 28 -0.30 2.92 2.65
C VAL A 28 -0.93 1.58 2.29
N ARG A 29 -1.22 1.41 1.02
CA ARG A 29 -1.79 0.17 0.51
C ARG A 29 -0.84 -0.50 -0.47
N TYR A 30 -0.51 -1.76 -0.21
CA TYR A 30 0.36 -2.52 -1.10
C TYR A 30 -0.26 -3.84 -1.50
N CYS A 31 0.20 -4.33 -2.62
CA CYS A 31 -0.34 -5.53 -3.24
C CYS A 31 0.12 -6.79 -2.52
N SER A 32 1.22 -6.68 -1.78
CA SER A 32 1.81 -7.84 -1.11
C SER A 32 3.07 -7.41 -0.37
N LEU A 33 3.82 -8.37 0.16
CA LEU A 33 5.09 -8.08 0.83
C LEU A 33 6.10 -7.53 -0.15
N LYS A 34 5.86 -7.80 -1.43
CA LYS A 34 6.73 -7.34 -2.51
C LYS A 34 6.91 -5.83 -2.45
N CYS A 35 5.86 -5.14 -2.01
CA CYS A 35 5.91 -3.70 -1.87
C CYS A 35 5.88 -3.29 -0.40
N TYR A 36 5.42 -4.19 0.46
CA TYR A 36 5.43 -3.95 1.90
C TYR A 36 6.87 -3.74 2.38
N LYS A 37 7.70 -4.73 2.13
CA LYS A 37 9.08 -4.70 2.58
C LYS A 37 9.96 -3.97 1.57
N ASP A 38 9.50 -2.78 1.19
CA ASP A 38 10.22 -1.93 0.27
C ASP A 38 10.67 -0.67 1.00
N ALA A 39 11.81 -0.12 0.62
CA ALA A 39 12.34 1.08 1.26
C ALA A 39 12.65 2.15 0.21
N ALA A 40 12.14 1.96 -0.99
CA ALA A 40 12.37 2.89 -2.09
C ALA A 40 11.13 3.74 -2.31
N LYS A 41 9.98 3.09 -2.30
CA LYS A 41 8.72 3.76 -2.51
C LYS A 41 7.85 3.64 -1.28
N HIS A 42 8.01 2.54 -0.53
CA HIS A 42 7.38 2.41 0.77
C HIS A 42 8.25 3.12 1.79
N VAL A 43 7.95 4.37 2.05
CA VAL A 43 8.81 5.19 2.89
C VAL A 43 8.16 5.49 4.22
N HIS A 44 8.97 5.39 5.26
CA HIS A 44 8.53 5.71 6.60
C HIS A 44 9.38 6.83 7.18
N LYS A 45 9.50 7.90 6.41
CA LYS A 45 10.30 9.05 6.79
C LYS A 45 9.62 10.33 6.34
N GLU A 46 8.76 10.87 7.21
CA GLU A 46 8.00 12.09 6.92
C GLU A 46 7.12 11.91 5.69
N SER A 47 6.78 10.67 5.41
CA SER A 47 5.99 10.33 4.24
C SER A 47 4.63 9.79 4.66
N GLU A 48 3.62 10.04 3.83
CA GLU A 48 2.25 9.65 4.12
C GLU A 48 1.78 10.34 5.40
N GLN A 49 2.23 11.57 5.58
CA GLN A 49 1.88 12.36 6.75
C GLN A 49 2.06 13.84 6.43
N GLY A 1 -17.84 7.10 -0.60
CA GLY A 1 -18.96 6.50 0.17
C GLY A 1 -18.46 5.72 1.36
N PRO A 2 -18.49 6.32 2.57
CA PRO A 2 -17.96 5.68 3.78
C PRO A 2 -18.70 4.42 4.18
N HIS A 3 -20.01 4.39 3.91
CA HIS A 3 -20.84 3.25 4.27
C HIS A 3 -20.53 2.06 3.37
N MET A 4 -20.18 2.34 2.13
CA MET A 4 -19.90 1.29 1.16
C MET A 4 -18.43 0.88 1.23
N VAL A 5 -17.56 1.77 0.74
CA VAL A 5 -16.10 1.54 0.68
C VAL A 5 -15.76 0.08 0.34
N SER A 6 -16.41 -0.43 -0.69
CA SER A 6 -16.20 -1.81 -1.12
C SER A 6 -15.90 -1.87 -2.60
N SER A 7 -15.17 -0.88 -3.10
CA SER A 7 -14.76 -0.85 -4.49
C SER A 7 -13.28 -1.19 -4.59
N ALA A 8 -12.72 -1.69 -3.49
CA ALA A 8 -11.32 -2.12 -3.41
C ALA A 8 -10.37 -0.95 -3.59
N VAL A 9 -9.10 -1.28 -3.70
CA VAL A 9 -8.06 -0.28 -3.73
C VAL A 9 -6.84 -0.86 -4.41
N LYS A 10 -6.03 -0.01 -5.03
CA LYS A 10 -4.86 -0.48 -5.76
C LYS A 10 -3.59 -0.21 -4.97
N CYS A 11 -2.55 -0.97 -5.27
CA CYS A 11 -1.26 -0.83 -4.61
C CYS A 11 -0.68 0.55 -4.86
N GLY A 12 -0.54 1.34 -3.80
CA GLY A 12 -0.04 2.69 -3.94
C GLY A 12 1.48 2.74 -4.01
N ILE A 13 2.11 1.59 -4.22
CA ILE A 13 3.55 1.53 -4.26
C ILE A 13 4.04 1.17 -5.65
N CYS A 14 3.34 0.28 -6.34
CA CYS A 14 3.72 -0.09 -7.69
C CYS A 14 2.59 0.22 -8.69
N ARG A 15 1.40 0.43 -8.15
CA ARG A 15 0.21 0.77 -8.94
C ARG A 15 -0.15 -0.36 -9.90
N GLY A 16 0.12 -1.59 -9.49
CA GLY A 16 -0.19 -2.74 -10.31
C GLY A 16 -1.57 -3.29 -10.05
N VAL A 17 -1.70 -4.09 -9.00
CA VAL A 17 -2.96 -4.74 -8.69
C VAL A 17 -3.57 -4.16 -7.42
N ASP A 18 -4.61 -4.82 -6.91
CA ASP A 18 -5.28 -4.38 -5.70
C ASP A 18 -4.34 -4.41 -4.50
N GLY A 19 -4.46 -3.41 -3.65
CA GLY A 19 -3.68 -3.36 -2.44
C GLY A 19 -4.33 -4.16 -1.33
N LYS A 20 -4.22 -5.48 -1.43
CA LYS A 20 -4.84 -6.40 -0.48
C LYS A 20 -4.33 -6.19 0.94
N TYR A 21 -3.09 -5.74 1.07
CA TYR A 21 -2.51 -5.48 2.38
C TYR A 21 -2.39 -3.98 2.60
N LYS A 22 -2.44 -3.57 3.87
CA LYS A 22 -2.40 -2.15 4.20
C LYS A 22 -1.44 -1.91 5.34
N CYS A 23 -0.77 -0.77 5.33
CA CYS A 23 0.20 -0.43 6.36
C CYS A 23 -0.45 0.45 7.41
N PRO A 24 -0.72 -0.11 8.61
CA PRO A 24 -1.38 0.62 9.70
C PRO A 24 -0.52 1.74 10.31
N LYS A 25 0.68 1.91 9.79
CA LYS A 25 1.58 2.96 10.26
C LYS A 25 1.43 4.22 9.42
N CYS A 26 1.77 4.12 8.14
CA CYS A 26 1.80 5.27 7.26
C CYS A 26 0.46 5.41 6.53
N GLY A 27 -0.22 4.28 6.36
CA GLY A 27 -1.52 4.30 5.74
C GLY A 27 -1.45 3.95 4.28
N VAL A 28 -0.38 3.28 3.90
CA VAL A 28 -0.15 2.94 2.51
C VAL A 28 -0.78 1.59 2.17
N ARG A 29 -1.08 1.41 0.91
CA ARG A 29 -1.65 0.17 0.41
C ARG A 29 -0.66 -0.53 -0.49
N TYR A 30 -0.43 -1.80 -0.24
CA TYR A 30 0.49 -2.57 -1.08
C TYR A 30 -0.14 -3.89 -1.51
N CYS A 31 0.26 -4.32 -2.69
CA CYS A 31 -0.28 -5.51 -3.33
C CYS A 31 0.20 -6.79 -2.64
N SER A 32 1.30 -6.67 -1.88
CA SER A 32 1.87 -7.81 -1.19
C SER A 32 3.15 -7.41 -0.48
N LEU A 33 3.90 -8.39 0.00
CA LEU A 33 5.17 -8.15 0.68
C LEU A 33 6.19 -7.50 -0.26
N LYS A 34 6.00 -7.70 -1.56
CA LYS A 34 6.93 -7.18 -2.55
C LYS A 34 7.03 -5.66 -2.47
N CYS A 35 5.94 -5.03 -2.09
CA CYS A 35 5.92 -3.58 -1.90
C CYS A 35 5.89 -3.24 -0.42
N TYR A 36 5.45 -4.18 0.40
CA TYR A 36 5.44 -4.00 1.86
C TYR A 36 6.86 -3.74 2.35
N LYS A 37 7.73 -4.68 2.03
CA LYS A 37 9.11 -4.63 2.47
C LYS A 37 9.99 -3.92 1.45
N ASP A 38 9.46 -2.84 0.87
CA ASP A 38 10.22 -2.04 -0.06
C ASP A 38 10.68 -0.77 0.62
N ALA A 39 11.89 -0.35 0.33
CA ALA A 39 12.45 0.85 0.95
C ALA A 39 12.75 1.91 -0.10
N ALA A 40 12.12 1.81 -1.26
CA ALA A 40 12.30 2.78 -2.32
C ALA A 40 11.10 3.71 -2.39
N LYS A 41 9.93 3.11 -2.33
CA LYS A 41 8.67 3.85 -2.32
C LYS A 41 8.11 3.90 -0.91
N HIS A 42 8.12 2.75 -0.25
CA HIS A 42 7.59 2.65 1.09
C HIS A 42 8.62 3.15 2.09
N VAL A 43 8.39 4.33 2.63
CA VAL A 43 9.32 4.93 3.58
C VAL A 43 8.66 5.16 4.92
N HIS A 44 9.38 4.80 5.97
CA HIS A 44 8.91 5.00 7.33
C HIS A 44 9.88 5.84 8.14
N LYS A 45 9.36 6.51 9.15
CA LYS A 45 10.13 7.44 9.96
C LYS A 45 10.96 6.69 11.01
N GLU A 46 10.83 5.38 11.05
CA GLU A 46 11.66 4.56 11.93
C GLU A 46 13.01 4.32 11.29
N SER A 47 13.15 4.76 10.04
CA SER A 47 14.39 4.62 9.30
C SER A 47 15.07 5.97 9.13
N GLU A 48 14.79 6.90 10.03
CA GLU A 48 15.37 8.23 9.98
C GLU A 48 16.78 8.24 10.55
N GLN A 49 17.65 7.45 9.95
CA GLN A 49 19.04 7.35 10.38
C GLN A 49 19.95 7.83 9.28
N GLY A 1 -20.28 2.53 0.18
CA GLY A 1 -21.50 3.24 -0.25
C GLY A 1 -21.18 4.57 -0.91
N PRO A 2 -21.93 5.64 -0.58
CA PRO A 2 -21.70 6.98 -1.13
C PRO A 2 -20.26 7.46 -0.93
N HIS A 3 -19.82 7.47 0.33
CA HIS A 3 -18.44 7.85 0.65
C HIS A 3 -17.54 6.63 0.58
N MET A 4 -16.37 6.80 -0.02
CA MET A 4 -15.43 5.70 -0.24
C MET A 4 -16.08 4.63 -1.11
N VAL A 5 -16.51 5.01 -2.30
CA VAL A 5 -17.16 4.09 -3.22
C VAL A 5 -16.17 3.03 -3.71
N SER A 6 -14.89 3.34 -3.63
CA SER A 6 -13.84 2.41 -4.02
C SER A 6 -13.61 1.39 -2.92
N SER A 7 -14.42 0.33 -2.90
CA SER A 7 -14.30 -0.72 -1.91
C SER A 7 -12.97 -1.44 -2.05
N ALA A 8 -12.50 -1.54 -3.28
CA ALA A 8 -11.19 -2.10 -3.54
C ALA A 8 -10.25 -1.00 -3.98
N VAL A 9 -9.00 -1.20 -3.66
CA VAL A 9 -8.00 -0.19 -3.86
C VAL A 9 -6.81 -0.80 -4.59
N LYS A 10 -6.02 0.03 -5.25
CA LYS A 10 -4.83 -0.44 -5.95
C LYS A 10 -3.60 -0.17 -5.11
N CYS A 11 -2.56 -0.97 -5.34
CA CYS A 11 -1.31 -0.83 -4.62
C CYS A 11 -0.73 0.56 -4.83
N GLY A 12 -0.63 1.33 -3.76
CA GLY A 12 -0.14 2.69 -3.87
C GLY A 12 1.37 2.76 -4.01
N ILE A 13 2.01 1.60 -4.14
CA ILE A 13 3.46 1.55 -4.22
C ILE A 13 3.91 1.20 -5.64
N CYS A 14 3.20 0.30 -6.31
CA CYS A 14 3.55 -0.08 -7.67
C CYS A 14 2.44 0.23 -8.66
N ARG A 15 1.24 0.47 -8.12
CA ARG A 15 0.04 0.77 -8.92
C ARG A 15 -0.27 -0.36 -9.88
N GLY A 16 0.16 -1.57 -9.54
CA GLY A 16 -0.04 -2.70 -10.41
C GLY A 16 -1.39 -3.36 -10.20
N VAL A 17 -1.53 -4.07 -9.10
CA VAL A 17 -2.76 -4.76 -8.78
C VAL A 17 -3.42 -4.17 -7.54
N ASP A 18 -4.44 -4.85 -7.03
CA ASP A 18 -5.15 -4.39 -5.85
C ASP A 18 -4.22 -4.32 -4.63
N GLY A 19 -4.47 -3.34 -3.78
CA GLY A 19 -3.73 -3.22 -2.55
C GLY A 19 -4.45 -3.90 -1.41
N LYS A 20 -4.42 -5.22 -1.42
CA LYS A 20 -5.13 -6.03 -0.42
C LYS A 20 -4.53 -5.84 0.96
N TYR A 21 -3.23 -5.61 1.03
CA TYR A 21 -2.55 -5.42 2.30
C TYR A 21 -2.43 -3.93 2.61
N LYS A 22 -2.42 -3.59 3.89
CA LYS A 22 -2.38 -2.20 4.32
C LYS A 22 -1.34 -2.02 5.43
N CYS A 23 -0.71 -0.86 5.47
CA CYS A 23 0.30 -0.56 6.49
C CYS A 23 -0.31 0.29 7.60
N PRO A 24 -0.50 -0.29 8.79
CA PRO A 24 -1.07 0.42 9.94
C PRO A 24 -0.15 1.52 10.48
N LYS A 25 1.05 1.61 9.93
CA LYS A 25 2.01 2.61 10.37
C LYS A 25 1.84 3.90 9.59
N CYS A 26 2.01 3.86 8.27
CA CYS A 26 1.94 5.06 7.46
C CYS A 26 0.55 5.23 6.84
N GLY A 27 -0.12 4.10 6.59
CA GLY A 27 -1.44 4.14 6.03
C GLY A 27 -1.43 3.86 4.55
N VAL A 28 -0.38 3.20 4.09
CA VAL A 28 -0.23 2.89 2.69
C VAL A 28 -0.87 1.56 2.34
N ARG A 29 -1.18 1.38 1.07
CA ARG A 29 -1.74 0.14 0.57
C ARG A 29 -0.76 -0.51 -0.39
N TYR A 30 -0.47 -1.78 -0.16
CA TYR A 30 0.40 -2.53 -1.05
C TYR A 30 -0.26 -3.82 -1.48
N CYS A 31 0.15 -4.27 -2.65
CA CYS A 31 -0.38 -5.48 -3.24
C CYS A 31 0.07 -6.72 -2.48
N SER A 32 1.30 -6.68 -1.95
CA SER A 32 1.89 -7.84 -1.31
C SER A 32 3.16 -7.46 -0.56
N LEU A 33 3.89 -8.46 -0.07
CA LEU A 33 5.13 -8.25 0.67
C LEU A 33 6.21 -7.57 -0.17
N LYS A 34 6.10 -7.70 -1.49
CA LYS A 34 7.07 -7.11 -2.40
C LYS A 34 7.18 -5.62 -2.16
N CYS A 35 6.03 -4.98 -2.16
CA CYS A 35 5.93 -3.55 -1.91
C CYS A 35 5.87 -3.25 -0.42
N TYR A 36 5.42 -4.22 0.36
CA TYR A 36 5.37 -4.08 1.81
C TYR A 36 6.76 -3.83 2.38
N LYS A 37 7.65 -4.78 2.16
CA LYS A 37 9.00 -4.72 2.71
C LYS A 37 9.93 -3.96 1.77
N ASP A 38 9.45 -2.84 1.26
CA ASP A 38 10.23 -2.01 0.36
C ASP A 38 10.60 -0.71 1.05
N ALA A 39 11.82 -0.25 0.83
CA ALA A 39 12.27 1.01 1.42
C ALA A 39 12.74 1.97 0.33
N ALA A 40 12.24 1.77 -0.88
CA ALA A 40 12.58 2.63 -2.00
C ALA A 40 11.39 3.47 -2.38
N LYS A 41 10.24 2.82 -2.47
CA LYS A 41 8.97 3.47 -2.76
C LYS A 41 8.18 3.65 -1.48
N HIS A 42 8.17 2.59 -0.67
CA HIS A 42 7.52 2.62 0.63
C HIS A 42 8.44 3.30 1.63
N VAL A 43 8.04 4.49 2.07
CA VAL A 43 8.88 5.28 2.95
C VAL A 43 8.24 5.47 4.31
N HIS A 44 9.05 5.35 5.35
CA HIS A 44 8.60 5.53 6.71
C HIS A 44 9.29 6.68 7.41
N LYS A 45 9.09 6.75 8.73
CA LYS A 45 9.54 7.88 9.52
C LYS A 45 11.06 7.96 9.57
N GLU A 46 11.58 9.16 9.44
CA GLU A 46 13.01 9.40 9.49
C GLU A 46 13.30 10.83 9.96
N SER A 47 12.51 11.78 9.47
CA SER A 47 12.75 13.18 9.77
C SER A 47 11.46 13.88 10.22
N GLU A 48 11.04 13.57 11.44
CA GLU A 48 9.90 14.23 12.05
C GLU A 48 10.38 15.32 13.00
N GLN A 49 11.63 15.72 12.85
CA GLN A 49 12.20 16.77 13.66
C GLN A 49 11.82 18.13 13.11
N GLY A 1 -19.05 10.89 2.56
CA GLY A 1 -19.64 9.74 1.85
C GLY A 1 -18.59 8.86 1.19
N PRO A 2 -18.87 8.35 -0.02
CA PRO A 2 -17.94 7.48 -0.72
C PRO A 2 -16.70 8.22 -1.22
N HIS A 3 -15.56 7.93 -0.61
CA HIS A 3 -14.30 8.53 -1.05
C HIS A 3 -13.87 7.86 -2.36
N MET A 4 -14.21 6.60 -2.49
CA MET A 4 -13.98 5.86 -3.73
C MET A 4 -15.31 5.28 -4.21
N VAL A 5 -15.49 5.25 -5.52
CA VAL A 5 -16.71 4.70 -6.11
C VAL A 5 -16.58 3.18 -6.20
N SER A 6 -15.37 2.68 -5.99
CA SER A 6 -15.09 1.27 -6.06
C SER A 6 -14.96 0.67 -4.66
N SER A 7 -15.20 -0.63 -4.56
CA SER A 7 -15.07 -1.33 -3.29
C SER A 7 -13.72 -2.04 -3.22
N ALA A 8 -12.69 -1.37 -3.73
CA ALA A 8 -11.35 -1.92 -3.76
C ALA A 8 -10.33 -0.83 -4.00
N VAL A 9 -9.10 -1.14 -3.65
CA VAL A 9 -8.04 -0.16 -3.67
C VAL A 9 -6.81 -0.74 -4.37
N LYS A 10 -5.99 0.12 -4.96
CA LYS A 10 -4.82 -0.36 -5.71
C LYS A 10 -3.55 -0.12 -4.90
N CYS A 11 -2.51 -0.89 -5.23
CA CYS A 11 -1.23 -0.76 -4.55
C CYS A 11 -0.64 0.62 -4.80
N GLY A 12 -0.47 1.39 -3.74
CA GLY A 12 0.06 2.73 -3.88
C GLY A 12 1.57 2.76 -4.02
N ILE A 13 2.18 1.59 -4.11
CA ILE A 13 3.62 1.50 -4.20
C ILE A 13 4.07 1.16 -5.61
N CYS A 14 3.35 0.26 -6.27
CA CYS A 14 3.71 -0.12 -7.64
C CYS A 14 2.58 0.22 -8.61
N ARG A 15 1.41 0.51 -8.06
CA ARG A 15 0.23 0.87 -8.83
C ARG A 15 -0.15 -0.23 -9.83
N GLY A 16 0.19 -1.47 -9.48
CA GLY A 16 -0.11 -2.58 -10.36
C GLY A 16 -1.49 -3.14 -10.11
N VAL A 17 -1.63 -3.93 -9.06
CA VAL A 17 -2.89 -4.59 -8.75
C VAL A 17 -3.49 -4.05 -7.47
N ASP A 18 -4.53 -4.71 -6.97
CA ASP A 18 -5.20 -4.28 -5.75
C ASP A 18 -4.27 -4.35 -4.54
N GLY A 19 -4.42 -3.39 -3.65
CA GLY A 19 -3.67 -3.38 -2.42
C GLY A 19 -4.40 -4.14 -1.34
N LYS A 20 -4.35 -5.46 -1.42
CA LYS A 20 -5.05 -6.32 -0.47
C LYS A 20 -4.52 -6.16 0.95
N TYR A 21 -3.25 -5.79 1.09
CA TYR A 21 -2.66 -5.60 2.41
C TYR A 21 -2.50 -4.12 2.71
N LYS A 22 -2.38 -3.77 3.99
CA LYS A 22 -2.34 -2.38 4.40
C LYS A 22 -1.25 -2.15 5.43
N CYS A 23 -0.63 -0.97 5.39
CA CYS A 23 0.44 -0.60 6.31
C CYS A 23 -0.12 0.30 7.40
N PRO A 24 -0.34 -0.25 8.61
CA PRO A 24 -0.96 0.50 9.72
C PRO A 24 -0.07 1.64 10.24
N LYS A 25 1.15 1.70 9.76
CA LYS A 25 2.08 2.75 10.14
C LYS A 25 1.78 4.05 9.40
N CYS A 26 1.90 3.99 8.08
CA CYS A 26 1.76 5.18 7.25
C CYS A 26 0.34 5.26 6.68
N GLY A 27 -0.24 4.09 6.41
CA GLY A 27 -1.58 4.03 5.90
C GLY A 27 -1.61 3.62 4.45
N VAL A 28 -0.49 3.11 3.96
CA VAL A 28 -0.38 2.78 2.55
C VAL A 28 -0.99 1.42 2.26
N ARG A 29 -1.38 1.23 1.01
CA ARG A 29 -1.93 -0.03 0.55
C ARG A 29 -0.98 -0.69 -0.45
N TYR A 30 -0.54 -1.89 -0.14
CA TYR A 30 0.35 -2.61 -1.04
C TYR A 30 -0.27 -3.91 -1.49
N CYS A 31 0.09 -4.28 -2.71
CA CYS A 31 -0.44 -5.47 -3.37
C CYS A 31 0.00 -6.74 -2.66
N SER A 32 1.14 -6.67 -1.97
CA SER A 32 1.69 -7.84 -1.30
C SER A 32 2.95 -7.48 -0.51
N LEU A 33 3.62 -8.51 -0.01
CA LEU A 33 4.87 -8.35 0.73
C LEU A 33 5.95 -7.75 -0.17
N LYS A 34 5.77 -7.90 -1.48
CA LYS A 34 6.73 -7.41 -2.46
C LYS A 34 6.95 -5.91 -2.32
N CYS A 35 5.86 -5.19 -2.07
CA CYS A 35 5.94 -3.75 -1.91
C CYS A 35 5.97 -3.37 -0.43
N TYR A 36 5.56 -4.31 0.42
CA TYR A 36 5.55 -4.10 1.86
C TYR A 36 6.94 -3.78 2.38
N LYS A 37 7.86 -4.73 2.28
CA LYS A 37 9.19 -4.55 2.84
C LYS A 37 10.13 -3.82 1.88
N ASP A 38 9.64 -2.71 1.34
CA ASP A 38 10.43 -1.87 0.48
C ASP A 38 10.80 -0.60 1.22
N ALA A 39 11.95 -0.03 0.87
CA ALA A 39 12.40 1.20 1.49
C ALA A 39 12.86 2.19 0.42
N ALA A 40 12.26 2.09 -0.76
CA ALA A 40 12.56 3.00 -1.85
C ALA A 40 11.31 3.79 -2.23
N LYS A 41 10.20 3.07 -2.33
CA LYS A 41 8.91 3.65 -2.62
C LYS A 41 8.05 3.62 -1.37
N HIS A 42 8.23 2.58 -0.56
CA HIS A 42 7.54 2.48 0.72
C HIS A 42 8.32 3.28 1.76
N VAL A 43 7.92 4.53 1.93
CA VAL A 43 8.69 5.47 2.74
C VAL A 43 8.24 5.45 4.19
N HIS A 44 9.22 5.28 5.07
CA HIS A 44 8.95 5.20 6.51
C HIS A 44 10.02 5.90 7.33
N LYS A 45 9.57 6.64 8.33
CA LYS A 45 10.46 7.22 9.34
C LYS A 45 9.85 7.04 10.73
N GLU A 46 8.89 6.11 10.80
CA GLU A 46 8.22 5.74 12.04
C GLU A 46 7.67 6.95 12.80
N SER A 47 6.94 7.80 12.07
CA SER A 47 6.34 8.99 12.66
C SER A 47 7.40 9.87 13.32
N GLU A 48 8.26 10.47 12.50
CA GLU A 48 9.32 11.33 13.00
C GLU A 48 8.73 12.69 13.38
N GLN A 49 7.97 12.70 14.46
CA GLN A 49 7.32 13.90 14.94
C GLN A 49 8.04 14.44 16.16
N GLY A 1 -19.22 -4.49 -13.57
CA GLY A 1 -20.51 -3.97 -14.07
C GLY A 1 -21.05 -2.85 -13.22
N PRO A 2 -22.32 -2.47 -13.40
CA PRO A 2 -22.94 -1.38 -12.61
C PRO A 2 -23.04 -1.71 -11.13
N HIS A 3 -23.04 -2.99 -10.79
CA HIS A 3 -23.14 -3.42 -9.40
C HIS A 3 -21.76 -3.50 -8.76
N MET A 4 -21.15 -2.35 -8.55
CA MET A 4 -19.85 -2.26 -7.90
C MET A 4 -19.86 -1.13 -6.88
N VAL A 5 -19.28 -1.39 -5.72
CA VAL A 5 -19.24 -0.40 -4.65
C VAL A 5 -17.95 0.40 -4.67
N SER A 6 -16.95 -0.16 -5.36
CA SER A 6 -15.65 0.47 -5.57
C SER A 6 -14.92 0.71 -4.24
N SER A 7 -15.14 -0.18 -3.28
CA SER A 7 -14.52 -0.07 -1.98
C SER A 7 -13.13 -0.71 -1.98
N ALA A 8 -12.66 -1.07 -3.15
CA ALA A 8 -11.36 -1.68 -3.30
C ALA A 8 -10.33 -0.62 -3.61
N VAL A 9 -9.08 -1.03 -3.58
CA VAL A 9 -8.00 -0.09 -3.70
C VAL A 9 -6.83 -0.74 -4.45
N LYS A 10 -6.03 0.08 -5.11
CA LYS A 10 -4.86 -0.42 -5.84
C LYS A 10 -3.61 -0.25 -5.00
N CYS A 11 -2.58 -1.00 -5.33
CA CYS A 11 -1.29 -0.89 -4.65
C CYS A 11 -0.70 0.49 -4.88
N GLY A 12 -0.59 1.28 -3.83
CA GLY A 12 -0.08 2.63 -3.95
C GLY A 12 1.42 2.69 -4.09
N ILE A 13 2.05 1.53 -4.24
CA ILE A 13 3.50 1.46 -4.34
C ILE A 13 3.94 1.08 -5.75
N CYS A 14 3.21 0.17 -6.39
CA CYS A 14 3.56 -0.22 -7.76
C CYS A 14 2.41 0.02 -8.73
N ARG A 15 1.21 0.25 -8.17
CA ARG A 15 0.01 0.52 -8.95
C ARG A 15 -0.36 -0.65 -9.88
N GLY A 16 0.12 -1.85 -9.53
CA GLY A 16 -0.13 -3.00 -10.37
C GLY A 16 -1.51 -3.58 -10.17
N VAL A 17 -1.70 -4.23 -9.02
CA VAL A 17 -2.99 -4.83 -8.70
C VAL A 17 -3.56 -4.19 -7.44
N ASP A 18 -4.62 -4.78 -6.92
CA ASP A 18 -5.27 -4.29 -5.71
C ASP A 18 -4.30 -4.28 -4.53
N GLY A 19 -4.48 -3.29 -3.67
CA GLY A 19 -3.70 -3.20 -2.46
C GLY A 19 -4.38 -3.93 -1.32
N LYS A 20 -4.40 -5.26 -1.44
CA LYS A 20 -5.05 -6.11 -0.45
C LYS A 20 -4.40 -6.00 0.92
N TYR A 21 -3.12 -5.68 0.92
CA TYR A 21 -2.38 -5.50 2.16
C TYR A 21 -2.26 -4.02 2.49
N LYS A 22 -2.24 -3.70 3.77
CA LYS A 22 -2.24 -2.31 4.21
C LYS A 22 -1.24 -2.10 5.34
N CYS A 23 -0.61 -0.93 5.37
CA CYS A 23 0.34 -0.60 6.42
C CYS A 23 -0.32 0.23 7.49
N PRO A 24 -0.57 -0.35 8.67
CA PRO A 24 -1.22 0.35 9.78
C PRO A 24 -0.36 1.46 10.38
N LYS A 25 0.83 1.67 9.82
CA LYS A 25 1.73 2.70 10.32
C LYS A 25 1.61 3.98 9.49
N CYS A 26 1.89 3.89 8.19
CA CYS A 26 1.86 5.08 7.34
C CYS A 26 0.51 5.21 6.66
N GLY A 27 -0.15 4.07 6.45
CA GLY A 27 -1.45 4.09 5.83
C GLY A 27 -1.35 3.79 4.35
N VAL A 28 -0.26 3.16 3.95
CA VAL A 28 -0.04 2.87 2.55
C VAL A 28 -0.70 1.54 2.18
N ARG A 29 -0.97 1.37 0.92
CA ARG A 29 -1.57 0.16 0.39
C ARG A 29 -0.61 -0.54 -0.54
N TYR A 30 -0.38 -1.81 -0.30
CA TYR A 30 0.48 -2.60 -1.16
C TYR A 30 -0.19 -3.89 -1.55
N CYS A 31 0.13 -4.32 -2.76
CA CYS A 31 -0.43 -5.52 -3.35
C CYS A 31 0.03 -6.76 -2.60
N SER A 32 1.25 -6.71 -2.06
CA SER A 32 1.86 -7.87 -1.41
C SER A 32 3.10 -7.45 -0.63
N LEU A 33 3.80 -8.42 -0.05
CA LEU A 33 5.02 -8.16 0.71
C LEU A 33 6.10 -7.53 -0.14
N LYS A 34 6.07 -7.78 -1.44
CA LYS A 34 7.06 -7.24 -2.35
C LYS A 34 7.12 -5.71 -2.27
N CYS A 35 5.96 -5.10 -2.10
CA CYS A 35 5.89 -3.66 -1.95
C CYS A 35 5.85 -3.27 -0.46
N TYR A 36 5.42 -4.22 0.37
CA TYR A 36 5.40 -4.01 1.81
C TYR A 36 6.81 -3.78 2.32
N LYS A 37 7.68 -4.75 2.06
CA LYS A 37 9.05 -4.70 2.56
C LYS A 37 9.95 -3.90 1.63
N ASP A 38 9.46 -2.77 1.17
CA ASP A 38 10.24 -1.86 0.36
C ASP A 38 10.54 -0.60 1.13
N ALA A 39 11.67 0.02 0.85
CA ALA A 39 12.06 1.24 1.53
C ALA A 39 12.42 2.33 0.53
N ALA A 40 12.26 2.03 -0.75
CA ALA A 40 12.56 2.98 -1.81
C ALA A 40 11.33 3.82 -2.11
N LYS A 41 10.20 3.16 -2.21
CA LYS A 41 8.92 3.82 -2.44
C LYS A 41 8.14 3.87 -1.14
N HIS A 42 8.17 2.76 -0.41
CA HIS A 42 7.52 2.69 0.88
C HIS A 42 8.43 3.27 1.96
N VAL A 43 8.36 4.58 2.14
CA VAL A 43 9.25 5.25 3.06
C VAL A 43 8.59 5.50 4.41
N HIS A 44 9.23 4.99 5.45
CA HIS A 44 8.82 5.27 6.80
C HIS A 44 9.70 6.34 7.42
N LYS A 45 9.08 7.45 7.75
CA LYS A 45 9.77 8.58 8.35
C LYS A 45 8.91 9.13 9.48
N GLU A 46 8.05 8.28 10.00
CA GLU A 46 7.05 8.67 10.97
C GLU A 46 7.70 9.23 12.23
N SER A 47 8.69 8.51 12.73
CA SER A 47 9.43 8.96 13.90
C SER A 47 10.59 9.84 13.44
N GLU A 48 10.74 11.00 14.08
CA GLU A 48 11.82 11.91 13.75
C GLU A 48 13.15 11.35 14.25
N GLN A 49 13.82 10.64 13.38
CA GLN A 49 15.09 10.02 13.70
C GLN A 49 16.22 10.79 13.03
N GLY A 1 -23.50 4.95 -8.76
CA GLY A 1 -23.48 6.40 -8.45
C GLY A 1 -22.19 6.82 -7.79
N PRO A 2 -22.25 7.79 -6.86
CA PRO A 2 -21.05 8.32 -6.20
C PRO A 2 -20.33 7.29 -5.33
N HIS A 3 -21.06 6.27 -4.91
CA HIS A 3 -20.49 5.20 -4.11
C HIS A 3 -20.39 3.92 -4.92
N MET A 4 -19.18 3.60 -5.35
CA MET A 4 -18.93 2.38 -6.11
C MET A 4 -19.10 1.16 -5.21
N VAL A 5 -19.90 0.21 -5.68
CA VAL A 5 -20.23 -0.98 -4.90
C VAL A 5 -19.00 -1.85 -4.69
N SER A 6 -18.21 -2.01 -5.75
CA SER A 6 -16.97 -2.77 -5.65
C SER A 6 -15.82 -1.85 -5.23
N SER A 7 -15.96 -1.28 -4.04
CA SER A 7 -14.95 -0.41 -3.49
C SER A 7 -13.64 -1.18 -3.24
N ALA A 8 -12.62 -0.81 -3.99
CA ALA A 8 -11.33 -1.46 -3.89
C ALA A 8 -10.22 -0.46 -4.10
N VAL A 9 -9.03 -0.84 -3.70
CA VAL A 9 -7.91 0.05 -3.73
C VAL A 9 -6.76 -0.62 -4.48
N LYS A 10 -5.92 0.18 -5.11
CA LYS A 10 -4.79 -0.33 -5.84
C LYS A 10 -3.52 -0.10 -5.04
N CYS A 11 -2.52 -0.94 -5.28
CA CYS A 11 -1.25 -0.82 -4.59
C CYS A 11 -0.63 0.54 -4.85
N GLY A 12 -0.56 1.37 -3.81
CA GLY A 12 -0.04 2.71 -3.96
C GLY A 12 1.46 2.75 -4.16
N ILE A 13 2.08 1.58 -4.18
CA ILE A 13 3.53 1.50 -4.26
C ILE A 13 3.98 1.14 -5.67
N CYS A 14 3.28 0.22 -6.32
CA CYS A 14 3.67 -0.21 -7.66
C CYS A 14 2.57 0.09 -8.68
N ARG A 15 1.37 0.29 -8.16
CA ARG A 15 0.20 0.56 -8.99
C ARG A 15 -0.02 -0.54 -10.01
N GLY A 16 0.26 -1.77 -9.58
CA GLY A 16 0.08 -2.92 -10.45
C GLY A 16 -1.26 -3.59 -10.24
N VAL A 17 -1.47 -4.11 -9.04
CA VAL A 17 -2.71 -4.81 -8.73
C VAL A 17 -3.38 -4.22 -7.49
N ASP A 18 -4.48 -4.84 -7.09
CA ASP A 18 -5.25 -4.45 -5.92
C ASP A 18 -4.37 -4.44 -4.65
N GLY A 19 -4.51 -3.38 -3.86
CA GLY A 19 -3.75 -3.27 -2.63
C GLY A 19 -4.48 -3.95 -1.48
N LYS A 20 -4.44 -5.27 -1.47
CA LYS A 20 -5.15 -6.05 -0.47
C LYS A 20 -4.54 -5.89 0.93
N TYR A 21 -3.24 -5.67 0.99
CA TYR A 21 -2.55 -5.53 2.27
C TYR A 21 -2.42 -4.06 2.64
N LYS A 22 -2.36 -3.79 3.93
CA LYS A 22 -2.36 -2.40 4.41
C LYS A 22 -1.28 -2.19 5.48
N CYS A 23 -0.70 -1.00 5.49
CA CYS A 23 0.33 -0.65 6.46
C CYS A 23 -0.28 0.19 7.57
N PRO A 24 -0.42 -0.38 8.77
CA PRO A 24 -1.02 0.33 9.92
C PRO A 24 -0.17 1.49 10.41
N LYS A 25 1.07 1.54 9.95
CA LYS A 25 2.02 2.55 10.41
C LYS A 25 1.84 3.86 9.67
N CYS A 26 1.94 3.83 8.34
CA CYS A 26 1.84 5.04 7.54
C CYS A 26 0.44 5.16 6.93
N GLY A 27 -0.18 4.02 6.67
CA GLY A 27 -1.51 4.01 6.14
C GLY A 27 -1.54 3.57 4.68
N VAL A 28 -0.39 3.13 4.16
CA VAL A 28 -0.27 2.82 2.75
C VAL A 28 -0.92 1.47 2.42
N ARG A 29 -1.26 1.31 1.15
CA ARG A 29 -1.83 0.07 0.64
C ARG A 29 -0.89 -0.58 -0.36
N TYR A 30 -0.53 -1.82 -0.10
CA TYR A 30 0.34 -2.55 -1.01
C TYR A 30 -0.31 -3.85 -1.46
N CYS A 31 0.10 -4.29 -2.63
CA CYS A 31 -0.42 -5.50 -3.23
C CYS A 31 0.02 -6.73 -2.47
N SER A 32 1.23 -6.68 -1.91
CA SER A 32 1.84 -7.82 -1.24
C SER A 32 3.08 -7.41 -0.45
N LEU A 33 3.79 -8.38 0.10
CA LEU A 33 5.00 -8.11 0.88
C LEU A 33 6.11 -7.49 0.03
N LYS A 34 6.07 -7.74 -1.27
CA LYS A 34 7.08 -7.20 -2.18
C LYS A 34 7.14 -5.68 -2.07
N CYS A 35 5.99 -5.05 -1.97
CA CYS A 35 5.92 -3.60 -1.83
C CYS A 35 5.92 -3.21 -0.35
N TYR A 36 5.50 -4.15 0.50
CA TYR A 36 5.52 -3.92 1.95
C TYR A 36 6.95 -3.69 2.41
N LYS A 37 7.80 -4.68 2.20
CA LYS A 37 9.20 -4.59 2.61
C LYS A 37 10.04 -3.94 1.53
N ASP A 38 9.61 -2.78 1.08
CA ASP A 38 10.39 -1.96 0.16
C ASP A 38 10.69 -0.63 0.83
N ALA A 39 11.88 -0.10 0.60
CA ALA A 39 12.28 1.15 1.24
C ALA A 39 12.54 2.22 0.19
N ALA A 40 12.18 1.94 -1.05
CA ALA A 40 12.39 2.88 -2.14
C ALA A 40 11.12 3.67 -2.40
N LYS A 41 9.99 2.98 -2.43
CA LYS A 41 8.72 3.62 -2.68
C LYS A 41 7.86 3.62 -1.41
N HIS A 42 8.08 2.65 -0.55
CA HIS A 42 7.39 2.59 0.73
C HIS A 42 8.19 3.36 1.77
N VAL A 43 7.80 4.60 2.00
CA VAL A 43 8.58 5.49 2.82
C VAL A 43 8.16 5.46 4.28
N HIS A 44 9.10 5.08 5.12
CA HIS A 44 8.93 5.12 6.55
C HIS A 44 10.04 5.95 7.19
N LYS A 45 11.24 5.39 7.26
CA LYS A 45 12.39 6.10 7.80
C LYS A 45 13.69 5.44 7.39
N GLU A 46 13.65 4.66 6.32
CA GLU A 46 14.82 3.97 5.82
C GLU A 46 15.02 4.28 4.34
N SER A 47 16.24 4.67 3.99
CA SER A 47 16.60 4.97 2.61
C SER A 47 15.73 6.12 2.07
N GLU A 48 15.36 7.05 2.94
CA GLU A 48 14.51 8.16 2.57
C GLU A 48 15.32 9.36 2.11
N GLN A 49 16.44 9.08 1.46
CA GLN A 49 17.30 10.12 0.90
C GLN A 49 17.65 9.78 -0.54
N GLY A 1 -8.52 3.75 -17.46
CA GLY A 1 -8.73 5.00 -16.70
C GLY A 1 -9.40 4.75 -15.36
N PRO A 2 -9.52 5.78 -14.51
CA PRO A 2 -10.15 5.65 -13.19
C PRO A 2 -11.61 5.22 -13.29
N HIS A 3 -11.92 4.10 -12.65
CA HIS A 3 -13.26 3.55 -12.71
C HIS A 3 -14.10 4.09 -11.55
N MET A 4 -15.30 4.56 -11.86
CA MET A 4 -16.18 5.10 -10.85
C MET A 4 -17.02 3.99 -10.24
N VAL A 5 -17.54 4.25 -9.03
CA VAL A 5 -18.27 3.25 -8.27
C VAL A 5 -17.36 2.04 -8.00
N SER A 6 -16.28 2.31 -7.30
CA SER A 6 -15.30 1.29 -6.97
C SER A 6 -15.06 1.25 -5.47
N SER A 7 -15.04 0.06 -4.90
CA SER A 7 -14.81 -0.11 -3.47
C SER A 7 -13.52 -0.89 -3.22
N ALA A 8 -12.72 -1.05 -4.26
CA ALA A 8 -11.47 -1.77 -4.14
C ALA A 8 -10.31 -0.84 -4.36
N VAL A 9 -9.25 -1.11 -3.62
CA VAL A 9 -8.10 -0.24 -3.61
C VAL A 9 -6.93 -0.92 -4.33
N LYS A 10 -6.09 -0.11 -4.95
CA LYS A 10 -4.94 -0.63 -5.69
C LYS A 10 -3.66 -0.31 -4.93
N CYS A 11 -2.60 -1.03 -5.28
CA CYS A 11 -1.32 -0.85 -4.62
C CYS A 11 -0.75 0.53 -4.91
N GLY A 12 -0.61 1.34 -3.87
CA GLY A 12 -0.13 2.69 -4.04
C GLY A 12 1.37 2.77 -4.29
N ILE A 13 2.03 1.62 -4.22
CA ILE A 13 3.48 1.59 -4.32
C ILE A 13 3.92 1.23 -5.73
N CYS A 14 3.24 0.29 -6.36
CA CYS A 14 3.61 -0.11 -7.71
C CYS A 14 2.48 0.16 -8.70
N ARG A 15 1.28 0.40 -8.16
CA ARG A 15 0.10 0.72 -8.95
C ARG A 15 -0.25 -0.41 -9.92
N GLY A 16 0.02 -1.64 -9.49
CA GLY A 16 -0.29 -2.79 -10.31
C GLY A 16 -1.67 -3.35 -10.02
N VAL A 17 -1.76 -4.18 -8.99
CA VAL A 17 -3.01 -4.85 -8.66
C VAL A 17 -3.61 -4.28 -7.38
N ASP A 18 -4.62 -4.96 -6.86
CA ASP A 18 -5.31 -4.53 -5.65
C ASP A 18 -4.36 -4.48 -4.45
N GLY A 19 -4.52 -3.44 -3.65
CA GLY A 19 -3.78 -3.33 -2.42
C GLY A 19 -4.43 -4.11 -1.30
N LYS A 20 -4.36 -5.42 -1.41
CA LYS A 20 -5.00 -6.32 -0.45
C LYS A 20 -4.41 -6.15 0.96
N TYR A 21 -3.16 -5.73 1.01
CA TYR A 21 -2.48 -5.54 2.29
C TYR A 21 -2.39 -4.05 2.61
N LYS A 22 -2.31 -3.71 3.89
CA LYS A 22 -2.33 -2.32 4.31
C LYS A 22 -1.30 -2.09 5.42
N CYS A 23 -0.68 -0.92 5.39
CA CYS A 23 0.33 -0.57 6.38
C CYS A 23 -0.28 0.30 7.46
N PRO A 24 -0.48 -0.25 8.66
CA PRO A 24 -1.12 0.47 9.77
C PRO A 24 -0.27 1.62 10.29
N LYS A 25 0.98 1.69 9.83
CA LYS A 25 1.90 2.72 10.28
C LYS A 25 1.71 4.00 9.48
N CYS A 26 1.95 3.93 8.17
CA CYS A 26 1.86 5.11 7.32
C CYS A 26 0.48 5.23 6.71
N GLY A 27 -0.16 4.08 6.52
CA GLY A 27 -1.51 4.06 5.98
C GLY A 27 -1.53 3.66 4.53
N VAL A 28 -0.39 3.18 4.04
CA VAL A 28 -0.24 2.88 2.63
C VAL A 28 -0.89 1.54 2.28
N ARG A 29 -1.21 1.39 1.01
CA ARG A 29 -1.76 0.15 0.48
C ARG A 29 -0.79 -0.50 -0.47
N TYR A 30 -0.48 -1.77 -0.23
CA TYR A 30 0.40 -2.51 -1.10
C TYR A 30 -0.25 -3.81 -1.53
N CYS A 31 0.08 -4.22 -2.74
CA CYS A 31 -0.46 -5.42 -3.33
C CYS A 31 -0.02 -6.66 -2.59
N SER A 32 1.19 -6.62 -2.02
CA SER A 32 1.77 -7.79 -1.38
C SER A 32 3.01 -7.40 -0.57
N LEU A 33 3.76 -8.41 -0.10
CA LEU A 33 4.96 -8.18 0.71
C LEU A 33 6.05 -7.47 -0.09
N LYS A 34 6.04 -7.68 -1.40
CA LYS A 34 7.06 -7.13 -2.28
C LYS A 34 7.15 -5.63 -2.13
N CYS A 35 6.00 -4.99 -2.10
CA CYS A 35 5.91 -3.56 -1.92
C CYS A 35 5.88 -3.20 -0.44
N TYR A 36 5.46 -4.15 0.38
CA TYR A 36 5.44 -3.96 1.82
C TYR A 36 6.87 -3.71 2.32
N LYS A 37 7.73 -4.71 2.15
CA LYS A 37 9.10 -4.62 2.61
C LYS A 37 9.97 -3.92 1.58
N ASP A 38 9.54 -2.75 1.16
CA ASP A 38 10.31 -1.91 0.27
C ASP A 38 10.75 -0.66 1.03
N ALA A 39 11.90 -0.13 0.66
CA ALA A 39 12.43 1.06 1.31
C ALA A 39 12.86 2.09 0.29
N ALA A 40 12.38 1.92 -0.93
CA ALA A 40 12.69 2.85 -2.01
C ALA A 40 11.49 3.73 -2.29
N LYS A 41 10.32 3.11 -2.32
CA LYS A 41 9.07 3.82 -2.51
C LYS A 41 8.29 3.84 -1.21
N HIS A 42 8.41 2.77 -0.44
CA HIS A 42 7.75 2.68 0.86
C HIS A 42 8.68 3.18 1.96
N VAL A 43 8.57 4.46 2.28
CA VAL A 43 9.47 5.06 3.25
C VAL A 43 8.74 5.51 4.49
N HIS A 44 9.22 5.04 5.63
CA HIS A 44 8.63 5.37 6.90
C HIS A 44 9.34 6.54 7.58
N LYS A 45 10.65 6.50 7.61
CA LYS A 45 11.43 7.58 8.20
C LYS A 45 11.96 8.50 7.11
N GLU A 46 11.08 9.33 6.59
CA GLU A 46 11.43 10.27 5.54
C GLU A 46 11.52 11.68 6.12
N SER A 47 10.42 12.14 6.69
CA SER A 47 10.37 13.46 7.29
C SER A 47 9.35 13.48 8.42
N GLU A 48 9.82 13.69 9.63
CA GLU A 48 8.95 13.79 10.80
C GLU A 48 8.98 15.20 11.35
N GLN A 49 9.62 16.09 10.62
CA GLN A 49 9.76 17.47 11.04
C GLN A 49 9.40 18.42 9.90
N GLY A 1 -23.80 -5.58 -2.51
CA GLY A 1 -22.61 -5.33 -1.66
C GLY A 1 -22.47 -3.86 -1.34
N PRO A 2 -21.26 -3.41 -0.96
CA PRO A 2 -21.00 -2.00 -0.64
C PRO A 2 -21.26 -1.11 -1.85
N HIS A 3 -22.24 -0.22 -1.72
CA HIS A 3 -22.64 0.64 -2.84
C HIS A 3 -21.68 1.82 -3.00
N MET A 4 -20.40 1.51 -3.05
CA MET A 4 -19.37 2.53 -3.21
C MET A 4 -18.66 2.38 -4.54
N VAL A 5 -18.75 1.18 -5.12
CA VAL A 5 -18.05 0.84 -6.36
C VAL A 5 -16.55 0.70 -6.13
N SER A 6 -15.93 1.74 -5.57
CA SER A 6 -14.51 1.73 -5.28
C SER A 6 -14.28 1.15 -3.88
N SER A 7 -14.80 -0.05 -3.66
CA SER A 7 -14.63 -0.74 -2.39
C SER A 7 -13.23 -1.35 -2.30
N ALA A 8 -12.68 -1.68 -3.46
CA ALA A 8 -11.33 -2.22 -3.54
C ALA A 8 -10.36 -1.10 -3.84
N VAL A 9 -9.11 -1.34 -3.53
CA VAL A 9 -8.10 -0.31 -3.63
C VAL A 9 -6.87 -0.85 -4.37
N LYS A 10 -6.03 0.03 -4.87
CA LYS A 10 -4.87 -0.40 -5.64
C LYS A 10 -3.59 -0.15 -4.86
N CYS A 11 -2.53 -0.87 -5.22
CA CYS A 11 -1.25 -0.74 -4.55
C CYS A 11 -0.65 0.64 -4.82
N GLY A 12 -0.53 1.44 -3.79
CA GLY A 12 -0.03 2.80 -3.95
C GLY A 12 1.47 2.85 -4.12
N ILE A 13 2.11 1.69 -4.17
CA ILE A 13 3.55 1.62 -4.27
C ILE A 13 3.98 1.27 -5.70
N CYS A 14 3.27 0.34 -6.33
CA CYS A 14 3.62 -0.05 -7.69
C CYS A 14 2.49 0.25 -8.67
N ARG A 15 1.30 0.50 -8.12
CA ARG A 15 0.11 0.81 -8.91
C ARG A 15 -0.23 -0.33 -9.87
N GLY A 16 0.21 -1.54 -9.52
CA GLY A 16 0.02 -2.68 -10.40
C GLY A 16 -1.33 -3.32 -10.21
N VAL A 17 -1.53 -3.97 -9.07
CA VAL A 17 -2.77 -4.64 -8.79
C VAL A 17 -3.41 -4.06 -7.53
N ASP A 18 -4.44 -4.74 -7.03
CA ASP A 18 -5.16 -4.28 -5.85
C ASP A 18 -4.28 -4.33 -4.61
N GLY A 19 -4.44 -3.35 -3.74
CA GLY A 19 -3.69 -3.31 -2.51
C GLY A 19 -4.41 -4.04 -1.40
N LYS A 20 -4.33 -5.36 -1.42
CA LYS A 20 -5.00 -6.19 -0.42
C LYS A 20 -4.38 -5.98 0.96
N TYR A 21 -3.09 -5.74 1.00
CA TYR A 21 -2.37 -5.55 2.24
C TYR A 21 -2.30 -4.05 2.56
N LYS A 22 -2.18 -3.72 3.84
CA LYS A 22 -2.21 -2.32 4.26
C LYS A 22 -1.24 -2.08 5.41
N CYS A 23 -0.62 -0.90 5.44
CA CYS A 23 0.31 -0.55 6.50
C CYS A 23 -0.41 0.27 7.56
N PRO A 24 -0.56 -0.29 8.77
CA PRO A 24 -1.20 0.42 9.88
C PRO A 24 -0.40 1.63 10.34
N LYS A 25 0.85 1.71 9.91
CA LYS A 25 1.74 2.77 10.35
C LYS A 25 1.62 4.02 9.48
N CYS A 26 1.82 3.88 8.17
CA CYS A 26 1.76 5.06 7.29
C CYS A 26 0.40 5.16 6.61
N GLY A 27 -0.32 4.04 6.54
CA GLY A 27 -1.65 4.05 5.99
C GLY A 27 -1.63 3.72 4.52
N VAL A 28 -0.52 3.16 4.07
CA VAL A 28 -0.33 2.87 2.66
C VAL A 28 -0.93 1.51 2.31
N ARG A 29 -1.21 1.32 1.04
CA ARG A 29 -1.77 0.09 0.54
C ARG A 29 -0.80 -0.57 -0.43
N TYR A 30 -0.52 -1.83 -0.21
CA TYR A 30 0.37 -2.57 -1.10
C TYR A 30 -0.25 -3.88 -1.53
N CYS A 31 0.16 -4.32 -2.70
CA CYS A 31 -0.38 -5.51 -3.34
C CYS A 31 0.09 -6.77 -2.64
N SER A 32 1.19 -6.67 -1.89
CA SER A 32 1.75 -7.81 -1.19
C SER A 32 2.98 -7.39 -0.38
N LEU A 33 3.71 -8.36 0.15
CA LEU A 33 4.96 -8.09 0.86
C LEU A 33 6.01 -7.49 -0.07
N LYS A 34 5.83 -7.70 -1.37
CA LYS A 34 6.80 -7.24 -2.36
C LYS A 34 6.98 -5.72 -2.28
N CYS A 35 5.87 -5.03 -2.06
CA CYS A 35 5.91 -3.59 -1.92
C CYS A 35 5.90 -3.19 -0.45
N TYR A 36 5.43 -4.11 0.40
CA TYR A 36 5.42 -3.88 1.85
C TYR A 36 6.84 -3.63 2.34
N LYS A 37 7.72 -4.58 2.11
CA LYS A 37 9.08 -4.49 2.60
C LYS A 37 10.00 -3.82 1.59
N ASP A 38 9.45 -2.85 0.87
CA ASP A 38 10.24 -2.06 -0.06
C ASP A 38 10.56 -0.73 0.59
N ALA A 39 11.84 -0.41 0.70
CA ALA A 39 12.26 0.82 1.36
C ALA A 39 12.70 1.86 0.34
N ALA A 40 12.31 1.65 -0.90
CA ALA A 40 12.64 2.59 -1.97
C ALA A 40 11.46 3.49 -2.26
N LYS A 41 10.28 2.88 -2.39
CA LYS A 41 9.06 3.61 -2.65
C LYS A 41 8.22 3.72 -1.38
N HIS A 42 8.30 2.71 -0.54
CA HIS A 42 7.56 2.69 0.71
C HIS A 42 8.49 3.07 1.85
N VAL A 43 8.58 4.35 2.11
CA VAL A 43 9.52 4.85 3.09
C VAL A 43 8.82 5.60 4.20
N HIS A 44 9.05 5.12 5.42
CA HIS A 44 8.48 5.73 6.61
C HIS A 44 9.21 7.01 6.97
N LYS A 45 8.86 8.08 6.27
CA LYS A 45 9.40 9.40 6.54
C LYS A 45 8.55 10.09 7.60
N GLU A 46 9.16 10.35 8.76
CA GLU A 46 8.46 10.97 9.89
C GLU A 46 7.30 10.11 10.34
N SER A 47 7.55 8.83 10.51
CA SER A 47 6.52 7.87 10.90
C SER A 47 6.29 7.90 12.41
N GLU A 48 5.95 9.06 12.92
CA GLU A 48 5.66 9.22 14.33
C GLU A 48 4.17 9.05 14.58
N GLN A 49 3.76 7.81 14.81
CA GLN A 49 2.36 7.50 15.01
C GLN A 49 2.06 7.35 16.50
N GLY A 1 -16.49 -3.58 -20.29
CA GLY A 1 -16.60 -3.88 -18.85
C GLY A 1 -17.06 -2.67 -18.05
N PRO A 2 -17.02 -2.75 -16.73
CA PRO A 2 -17.41 -1.64 -15.85
C PRO A 2 -16.34 -0.56 -15.80
N HIS A 3 -16.71 0.63 -15.36
CA HIS A 3 -15.75 1.72 -15.23
C HIS A 3 -15.06 1.66 -13.87
N MET A 4 -14.63 0.46 -13.50
CA MET A 4 -14.02 0.20 -12.21
C MET A 4 -14.99 0.50 -11.07
N VAL A 5 -16.10 -0.21 -11.10
CA VAL A 5 -17.12 -0.05 -10.07
C VAL A 5 -16.76 -0.90 -8.85
N SER A 6 -15.75 -1.74 -9.02
CA SER A 6 -15.26 -2.57 -7.93
C SER A 6 -14.69 -1.70 -6.81
N SER A 7 -15.15 -1.94 -5.59
CA SER A 7 -14.74 -1.15 -4.46
C SER A 7 -13.45 -1.69 -3.85
N ALA A 8 -12.33 -1.25 -4.40
CA ALA A 8 -11.03 -1.69 -3.94
C ALA A 8 -9.96 -0.70 -4.34
N VAL A 9 -8.90 -0.71 -3.57
CA VAL A 9 -7.82 0.23 -3.74
C VAL A 9 -6.68 -0.45 -4.51
N LYS A 10 -5.86 0.33 -5.17
CA LYS A 10 -4.72 -0.21 -5.89
C LYS A 10 -3.45 -0.06 -5.08
N CYS A 11 -2.46 -0.90 -5.36
CA CYS A 11 -1.18 -0.85 -4.65
C CYS A 11 -0.50 0.49 -4.89
N GLY A 12 -0.39 1.29 -3.85
CA GLY A 12 0.21 2.61 -3.98
C GLY A 12 1.72 2.56 -3.98
N ILE A 13 2.28 1.42 -4.37
CA ILE A 13 3.73 1.27 -4.44
C ILE A 13 4.17 0.82 -5.83
N CYS A 14 3.40 -0.08 -6.45
CA CYS A 14 3.74 -0.54 -7.79
C CYS A 14 2.62 -0.21 -8.77
N ARG A 15 1.44 0.09 -8.21
CA ARG A 15 0.24 0.40 -8.98
C ARG A 15 -0.12 -0.75 -9.93
N GLY A 16 0.27 -1.95 -9.55
CA GLY A 16 0.02 -3.11 -10.38
C GLY A 16 -1.37 -3.66 -10.19
N VAL A 17 -1.63 -4.23 -9.01
CA VAL A 17 -2.94 -4.76 -8.71
C VAL A 17 -3.53 -4.06 -7.48
N ASP A 18 -4.62 -4.62 -6.96
CA ASP A 18 -5.27 -4.09 -5.79
C ASP A 18 -4.35 -4.12 -4.57
N GLY A 19 -4.51 -3.12 -3.71
CA GLY A 19 -3.78 -3.06 -2.47
C GLY A 19 -4.50 -3.76 -1.35
N LYS A 20 -4.56 -5.08 -1.45
CA LYS A 20 -5.26 -5.92 -0.48
C LYS A 20 -4.58 -5.87 0.90
N TYR A 21 -3.29 -5.58 0.91
CA TYR A 21 -2.53 -5.52 2.14
C TYR A 21 -2.39 -4.06 2.59
N LYS A 22 -2.31 -3.83 3.88
CA LYS A 22 -2.29 -2.47 4.42
C LYS A 22 -1.16 -2.28 5.42
N CYS A 23 -0.60 -1.08 5.45
CA CYS A 23 0.49 -0.74 6.36
C CYS A 23 -0.05 0.10 7.52
N PRO A 24 -0.14 -0.50 8.72
CA PRO A 24 -0.70 0.19 9.89
C PRO A 24 0.18 1.33 10.40
N LYS A 25 1.39 1.41 9.87
CA LYS A 25 2.35 2.41 10.32
C LYS A 25 2.09 3.76 9.66
N CYS A 26 1.95 3.75 8.34
CA CYS A 26 1.78 4.98 7.59
C CYS A 26 0.37 5.08 7.02
N GLY A 27 -0.19 3.92 6.67
CA GLY A 27 -1.54 3.88 6.13
C GLY A 27 -1.54 3.59 4.64
N VAL A 28 -0.42 3.09 4.13
CA VAL A 28 -0.28 2.83 2.71
C VAL A 28 -0.93 1.51 2.34
N ARG A 29 -1.26 1.36 1.06
CA ARG A 29 -1.86 0.15 0.55
C ARG A 29 -0.91 -0.53 -0.43
N TYR A 30 -0.54 -1.78 -0.15
CA TYR A 30 0.29 -2.54 -1.07
C TYR A 30 -0.39 -3.82 -1.48
N CYS A 31 0.02 -4.32 -2.63
CA CYS A 31 -0.56 -5.53 -3.19
C CYS A 31 -0.14 -6.75 -2.40
N SER A 32 1.09 -6.73 -1.87
CA SER A 32 1.65 -7.90 -1.18
C SER A 32 2.91 -7.53 -0.42
N LEU A 33 3.59 -8.54 0.12
CA LEU A 33 4.80 -8.34 0.93
C LEU A 33 5.92 -7.72 0.10
N LYS A 34 5.95 -8.02 -1.20
CA LYS A 34 6.98 -7.50 -2.09
C LYS A 34 7.06 -5.97 -2.03
N CYS A 35 5.91 -5.32 -2.00
CA CYS A 35 5.87 -3.88 -1.91
C CYS A 35 5.86 -3.43 -0.45
N TYR A 36 5.43 -4.33 0.43
CA TYR A 36 5.43 -4.07 1.86
C TYR A 36 6.85 -3.72 2.33
N LYS A 37 7.79 -4.63 2.12
CA LYS A 37 9.15 -4.44 2.58
C LYS A 37 9.99 -3.66 1.58
N ASP A 38 9.46 -2.54 1.13
CA ASP A 38 10.17 -1.62 0.27
C ASP A 38 10.50 -0.37 1.07
N ALA A 39 11.60 0.30 0.73
CA ALA A 39 11.98 1.52 1.43
C ALA A 39 12.26 2.64 0.44
N ALA A 40 12.12 2.32 -0.84
CA ALA A 40 12.36 3.29 -1.89
C ALA A 40 11.10 4.10 -2.15
N LYS A 41 9.99 3.39 -2.28
CA LYS A 41 8.69 3.99 -2.54
C LYS A 41 7.84 3.90 -1.29
N HIS A 42 8.01 2.82 -0.54
CA HIS A 42 7.33 2.66 0.74
C HIS A 42 8.11 3.44 1.79
N VAL A 43 7.73 4.69 1.98
CA VAL A 43 8.51 5.61 2.78
C VAL A 43 8.16 5.51 4.26
N HIS A 44 9.17 5.17 5.05
CA HIS A 44 9.03 5.06 6.49
C HIS A 44 10.21 5.65 7.22
N LYS A 45 10.10 5.72 8.53
CA LYS A 45 11.19 6.10 9.40
C LYS A 45 11.09 5.27 10.68
N GLU A 46 12.00 5.50 11.63
CA GLU A 46 12.02 4.76 12.90
C GLU A 46 12.50 3.32 12.70
N SER A 47 11.70 2.54 11.98
CA SER A 47 12.05 1.15 11.70
C SER A 47 13.04 1.07 10.54
N GLU A 48 14.15 1.79 10.68
CA GLU A 48 15.16 1.88 9.64
C GLU A 48 16.11 0.69 9.73
N GLN A 49 16.33 0.22 10.95
CA GLN A 49 17.21 -0.92 11.19
C GLN A 49 16.38 -2.15 11.55
N GLY A 1 -27.70 0.75 -8.11
CA GLY A 1 -26.97 1.94 -8.64
C GLY A 1 -25.48 1.83 -8.44
N PRO A 2 -24.77 2.97 -8.39
CA PRO A 2 -23.32 2.98 -8.22
C PRO A 2 -22.89 2.37 -6.89
N HIS A 3 -21.86 1.54 -6.94
CA HIS A 3 -21.27 0.94 -5.76
C HIS A 3 -19.80 1.31 -5.67
N MET A 4 -19.50 2.55 -6.07
CA MET A 4 -18.12 3.04 -6.15
C MET A 4 -17.37 2.33 -7.27
N VAL A 5 -17.04 3.08 -8.32
CA VAL A 5 -16.25 2.56 -9.42
C VAL A 5 -14.93 2.01 -8.90
N SER A 6 -14.38 2.70 -7.91
CA SER A 6 -13.20 2.21 -7.21
C SER A 6 -13.63 1.39 -6.00
N SER A 7 -14.18 0.21 -6.26
CA SER A 7 -14.66 -0.68 -5.20
C SER A 7 -13.50 -1.25 -4.40
N ALA A 8 -12.36 -1.40 -5.06
CA ALA A 8 -11.18 -1.96 -4.42
C ALA A 8 -10.01 -1.05 -4.62
N VAL A 9 -9.12 -1.08 -3.65
CA VAL A 9 -8.00 -0.19 -3.63
C VAL A 9 -6.81 -0.82 -4.36
N LYS A 10 -5.99 0.02 -4.97
CA LYS A 10 -4.85 -0.45 -5.73
C LYS A 10 -3.57 -0.25 -4.94
N CYS A 11 -2.54 -1.01 -5.29
CA CYS A 11 -1.25 -0.90 -4.62
C CYS A 11 -0.65 0.49 -4.87
N GLY A 12 -0.50 1.26 -3.81
CA GLY A 12 0.01 2.60 -3.94
C GLY A 12 1.53 2.64 -4.04
N ILE A 13 2.13 1.50 -4.38
CA ILE A 13 3.57 1.41 -4.49
C ILE A 13 3.98 1.01 -5.90
N CYS A 14 3.31 0.02 -6.47
CA CYS A 14 3.63 -0.41 -7.83
C CYS A 14 2.51 -0.04 -8.79
N ARG A 15 1.36 0.30 -8.20
CA ARG A 15 0.18 0.72 -8.93
C ARG A 15 -0.24 -0.32 -9.97
N GLY A 16 0.02 -1.58 -9.67
CA GLY A 16 -0.31 -2.64 -10.59
C GLY A 16 -1.63 -3.29 -10.27
N VAL A 17 -1.68 -4.01 -9.16
CA VAL A 17 -2.88 -4.72 -8.77
C VAL A 17 -3.46 -4.14 -7.49
N ASP A 18 -4.44 -4.84 -6.93
CA ASP A 18 -5.12 -4.38 -5.72
C ASP A 18 -4.18 -4.30 -4.53
N GLY A 19 -4.42 -3.33 -3.67
CA GLY A 19 -3.65 -3.19 -2.44
C GLY A 19 -4.32 -3.92 -1.30
N LYS A 20 -4.37 -5.24 -1.41
CA LYS A 20 -5.02 -6.09 -0.41
C LYS A 20 -4.42 -5.88 0.98
N TYR A 21 -3.11 -5.67 1.03
CA TYR A 21 -2.42 -5.50 2.30
C TYR A 21 -2.31 -4.02 2.63
N LYS A 22 -2.29 -3.68 3.91
CA LYS A 22 -2.28 -2.29 4.34
C LYS A 22 -1.25 -2.07 5.44
N CYS A 23 -0.62 -0.90 5.42
CA CYS A 23 0.42 -0.56 6.39
C CYS A 23 -0.19 0.29 7.51
N PRO A 24 -0.35 -0.29 8.70
CA PRO A 24 -0.99 0.39 9.84
C PRO A 24 -0.18 1.57 10.38
N LYS A 25 1.05 1.70 9.92
CA LYS A 25 1.91 2.79 10.37
C LYS A 25 1.66 4.06 9.59
N CYS A 26 1.92 4.02 8.29
CA CYS A 26 1.86 5.21 7.46
C CYS A 26 0.50 5.34 6.81
N GLY A 27 -0.11 4.19 6.51
CA GLY A 27 -1.44 4.18 5.93
C GLY A 27 -1.41 3.86 4.45
N VAL A 28 -0.34 3.23 4.02
CA VAL A 28 -0.16 2.92 2.62
C VAL A 28 -0.80 1.57 2.27
N ARG A 29 -1.10 1.38 1.01
CA ARG A 29 -1.68 0.14 0.52
C ARG A 29 -0.72 -0.53 -0.44
N TYR A 30 -0.46 -1.81 -0.22
CA TYR A 30 0.41 -2.58 -1.10
C TYR A 30 -0.23 -3.90 -1.49
N CYS A 31 0.13 -4.36 -2.67
CA CYS A 31 -0.46 -5.54 -3.27
C CYS A 31 -0.02 -6.81 -2.54
N SER A 32 1.08 -6.72 -1.81
CA SER A 32 1.63 -7.88 -1.12
C SER A 32 2.83 -7.48 -0.27
N LEU A 33 3.52 -8.48 0.25
CA LEU A 33 4.69 -8.26 1.09
C LEU A 33 5.86 -7.74 0.24
N LYS A 34 5.77 -7.96 -1.06
CA LYS A 34 6.82 -7.52 -1.98
C LYS A 34 6.98 -6.01 -1.95
N CYS A 35 5.87 -5.30 -2.07
CA CYS A 35 5.90 -3.84 -2.00
C CYS A 35 5.92 -3.37 -0.54
N TYR A 36 5.50 -4.25 0.35
CA TYR A 36 5.52 -3.97 1.79
C TYR A 36 6.96 -3.69 2.23
N LYS A 37 7.83 -4.66 2.04
CA LYS A 37 9.23 -4.51 2.44
C LYS A 37 10.04 -3.79 1.36
N ASP A 38 9.55 -2.63 0.99
CA ASP A 38 10.26 -1.75 0.07
C ASP A 38 10.71 -0.50 0.81
N ALA A 39 11.82 0.08 0.37
CA ALA A 39 12.36 1.27 1.00
C ALA A 39 12.59 2.39 -0.02
N ALA A 40 12.04 2.23 -1.21
CA ALA A 40 12.19 3.22 -2.26
C ALA A 40 10.93 4.07 -2.36
N LYS A 41 9.79 3.41 -2.20
CA LYS A 41 8.51 4.07 -2.25
C LYS A 41 7.79 3.93 -0.92
N HIS A 42 8.01 2.81 -0.24
CA HIS A 42 7.45 2.60 1.08
C HIS A 42 8.37 3.24 2.12
N VAL A 43 8.06 4.47 2.48
CA VAL A 43 8.94 5.26 3.32
C VAL A 43 8.52 5.19 4.79
N HIS A 44 9.44 4.70 5.62
CA HIS A 44 9.25 4.69 7.06
C HIS A 44 10.52 5.18 7.74
N LYS A 45 10.91 6.40 7.39
CA LYS A 45 12.15 7.01 7.88
C LYS A 45 13.39 6.31 7.30
N GLU A 46 14.33 7.12 6.86
CA GLU A 46 15.60 6.61 6.35
C GLU A 46 16.60 6.46 7.49
N SER A 47 17.89 6.47 7.17
CA SER A 47 18.95 6.36 8.16
C SER A 47 18.75 7.36 9.29
N GLU A 48 18.42 8.59 8.92
CA GLU A 48 18.08 9.61 9.87
C GLU A 48 17.00 10.52 9.28
N GLN A 49 17.28 11.00 8.08
CA GLN A 49 16.39 11.92 7.37
C GLN A 49 16.14 13.18 8.22
N GLY A 1 -26.54 -11.12 2.51
CA GLY A 1 -26.47 -10.10 1.44
C GLY A 1 -25.34 -10.37 0.46
N PRO A 2 -25.22 -9.56 -0.59
CA PRO A 2 -24.16 -9.73 -1.58
C PRO A 2 -22.81 -9.25 -1.08
N HIS A 3 -21.78 -10.04 -1.31
CA HIS A 3 -20.43 -9.68 -0.87
C HIS A 3 -19.82 -8.69 -1.86
N MET A 4 -19.32 -7.59 -1.35
CA MET A 4 -18.73 -6.56 -2.19
C MET A 4 -17.57 -5.88 -1.46
N VAL A 5 -16.48 -5.67 -2.20
CA VAL A 5 -15.35 -4.94 -1.66
C VAL A 5 -15.51 -3.45 -1.92
N SER A 6 -16.43 -2.84 -1.18
CA SER A 6 -16.75 -1.43 -1.31
C SER A 6 -15.49 -0.56 -1.21
N SER A 7 -15.29 0.27 -2.22
CA SER A 7 -14.11 1.13 -2.31
C SER A 7 -12.82 0.30 -2.34
N ALA A 8 -12.52 -0.25 -3.51
CA ALA A 8 -11.31 -1.02 -3.68
C ALA A 8 -10.13 -0.10 -3.87
N VAL A 9 -8.95 -0.65 -3.73
CA VAL A 9 -7.76 0.15 -3.70
C VAL A 9 -6.63 -0.53 -4.46
N LYS A 10 -5.76 0.26 -5.06
CA LYS A 10 -4.64 -0.29 -5.81
C LYS A 10 -3.36 -0.08 -5.02
N CYS A 11 -2.38 -0.94 -5.28
CA CYS A 11 -1.09 -0.86 -4.61
C CYS A 11 -0.43 0.49 -4.89
N GLY A 12 -0.35 1.33 -3.86
CA GLY A 12 0.21 2.67 -4.02
C GLY A 12 1.72 2.65 -4.10
N ILE A 13 2.28 1.49 -4.41
CA ILE A 13 3.73 1.35 -4.47
C ILE A 13 4.18 0.90 -5.85
N CYS A 14 3.38 0.05 -6.50
CA CYS A 14 3.73 -0.42 -7.85
C CYS A 14 2.59 -0.15 -8.84
N ARG A 15 1.42 0.17 -8.29
CA ARG A 15 0.22 0.46 -9.09
C ARG A 15 -0.15 -0.71 -10.00
N GLY A 16 0.18 -1.92 -9.56
CA GLY A 16 -0.14 -3.09 -10.34
C GLY A 16 -1.56 -3.57 -10.08
N VAL A 17 -1.74 -4.24 -8.97
CA VAL A 17 -3.03 -4.80 -8.62
C VAL A 17 -3.59 -4.13 -7.37
N ASP A 18 -4.68 -4.67 -6.86
CA ASP A 18 -5.29 -4.16 -5.63
C ASP A 18 -4.30 -4.20 -4.47
N GLY A 19 -4.40 -3.19 -3.62
CA GLY A 19 -3.59 -3.16 -2.41
C GLY A 19 -4.27 -3.90 -1.28
N LYS A 20 -4.35 -5.21 -1.43
CA LYS A 20 -5.03 -6.07 -0.46
C LYS A 20 -4.42 -5.96 0.93
N TYR A 21 -3.12 -5.76 1.00
CA TYR A 21 -2.43 -5.64 2.27
C TYR A 21 -2.29 -4.17 2.64
N LYS A 22 -2.33 -3.86 3.93
CA LYS A 22 -2.33 -2.47 4.38
C LYS A 22 -1.27 -2.25 5.44
N CYS A 23 -0.68 -1.07 5.44
CA CYS A 23 0.33 -0.70 6.42
C CYS A 23 -0.30 0.12 7.53
N PRO A 24 -0.48 -0.47 8.72
CA PRO A 24 -1.12 0.22 9.86
C PRO A 24 -0.29 1.37 10.41
N LYS A 25 0.92 1.53 9.90
CA LYS A 25 1.80 2.59 10.36
C LYS A 25 1.55 3.88 9.58
N CYS A 26 1.79 3.84 8.28
CA CYS A 26 1.67 5.02 7.45
C CYS A 26 0.29 5.09 6.82
N GLY A 27 -0.28 3.92 6.57
CA GLY A 27 -1.60 3.84 6.00
C GLY A 27 -1.57 3.44 4.54
N VAL A 28 -0.39 3.05 4.07
CA VAL A 28 -0.20 2.76 2.66
C VAL A 28 -0.84 1.42 2.29
N ARG A 29 -1.15 1.27 1.02
CA ARG A 29 -1.71 0.05 0.49
C ARG A 29 -0.75 -0.63 -0.48
N TYR A 30 -0.44 -1.88 -0.23
CA TYR A 30 0.43 -2.64 -1.10
C TYR A 30 -0.22 -3.95 -1.50
N CYS A 31 0.19 -4.43 -2.67
CA CYS A 31 -0.38 -5.62 -3.26
C CYS A 31 0.10 -6.88 -2.56
N SER A 32 1.21 -6.77 -1.84
CA SER A 32 1.80 -7.93 -1.19
C SER A 32 3.00 -7.52 -0.34
N LEU A 33 3.66 -8.50 0.26
CA LEU A 33 4.86 -8.27 1.06
C LEU A 33 5.97 -7.69 0.19
N LYS A 34 5.90 -7.98 -1.10
CA LYS A 34 6.87 -7.49 -2.06
C LYS A 34 7.04 -5.97 -1.96
N CYS A 35 5.93 -5.25 -2.06
CA CYS A 35 5.97 -3.80 -1.98
C CYS A 35 5.96 -3.34 -0.52
N TYR A 36 5.52 -4.21 0.37
CA TYR A 36 5.55 -3.95 1.81
C TYR A 36 6.99 -3.64 2.24
N LYS A 37 7.87 -4.57 1.96
CA LYS A 37 9.28 -4.43 2.35
C LYS A 37 10.09 -3.72 1.27
N ASP A 38 9.57 -2.61 0.77
CA ASP A 38 10.29 -1.75 -0.13
C ASP A 38 10.63 -0.45 0.59
N ALA A 39 11.86 0.00 0.48
CA ALA A 39 12.27 1.22 1.16
C ALA A 39 12.63 2.31 0.16
N ALA A 40 12.04 2.23 -1.02
CA ALA A 40 12.26 3.23 -2.05
C ALA A 40 10.98 4.02 -2.28
N LYS A 41 9.89 3.28 -2.38
CA LYS A 41 8.57 3.87 -2.55
C LYS A 41 7.88 3.96 -1.20
N HIS A 42 7.92 2.86 -0.48
CA HIS A 42 7.32 2.77 0.85
C HIS A 42 8.23 3.41 1.87
N VAL A 43 7.94 4.66 2.22
CA VAL A 43 8.81 5.41 3.11
C VAL A 43 8.24 5.50 4.52
N HIS A 44 9.08 5.16 5.48
CA HIS A 44 8.74 5.27 6.89
C HIS A 44 9.75 6.15 7.61
N LYS A 45 9.40 7.41 7.78
CA LYS A 45 10.24 8.33 8.51
C LYS A 45 9.93 8.25 10.00
N GLU A 46 10.94 8.41 10.82
CA GLU A 46 10.76 8.47 12.26
C GLU A 46 11.46 9.68 12.84
N SER A 47 10.87 10.27 13.85
CA SER A 47 11.39 11.48 14.44
C SER A 47 11.29 11.39 15.96
N GLU A 48 11.96 10.38 16.51
CA GLU A 48 11.98 10.18 17.94
C GLU A 48 13.31 10.66 18.52
N GLN A 49 13.77 11.80 18.02
CA GLN A 49 15.05 12.35 18.42
C GLN A 49 14.97 13.87 18.52
#